data_8SBU
#
_entry.id   8SBU
#
_cell.length_a   58.170
_cell.length_b   69.827
_cell.length_c   73.121
_cell.angle_alpha   67.44
_cell.angle_beta   74.63
_cell.angle_gamma   78.13
#
_symmetry.space_group_name_H-M   'P 1'
#
loop_
_entity.id
_entity.type
_entity.pdbx_description
1 polymer 'Maltose/maltodextrin-binding periplasmic protein,6-hydroxymethyl-7,8-dihydropterin pyrophosphokinase'
2 branched alpha-D-glucopyranose-(1-4)-alpha-D-glucopyranose
3 water water
#
_entity_poly.entity_id   1
_entity_poly.type   'polypeptide(L)'
_entity_poly.pdbx_seq_one_letter_code
;MKIHHHHHHEEGKLVIWINGDKGYNGLAEVGKKFEKDTGIKVTVEHPDKLEEKFPQVAATGDGPDIIFWAHDRFGGYAQS
GLLAEITPAAAFQDKLYPFTWDAVRYNGKLIAYPIAVEALSLIYNKDLLPNPPKTWEEIPALDKELKAKGKSALMFNLQE
PYFTWPLIAADGGYAFKYAAGKYDIKDVGVDNAGAKAGLTFLVDLIKNKHMNADTDYSIAEAAFNKGETAMTINGPWAWS
NIDTSAVNYGVTVLPTFKGQPSKPFVGVLSAGINAASPNKELAKEFLENYLLTDEGLEAVNKDKPLGAVALKSYEEELAK
DPRIAATMENAQKGEIMPNIPQMSAFWYAVRTAVINAASGRQTVDAALAAAQTNAAAMDMKEWEIFYNKIMEDFGFDKDK
DVESAVILNNILENANTIPVDKLKDIIEGREVFIFGAGPSIKKHINILKELREINYKNPIIVADGACKAFLEENIIPDII
VSDLDGDLEALFECNRKGSIIVVHAHGDNIEKIKKYVPKLKNVVGSCQIPNYKELNLRNVINFGGFTDGDRCCFLAYHFK
AKKLILGGMDFGIYITKYSRPNIKEDIAIGDEIKIKKLEYAKTLINYLKDKIEIEFLK
;
_entity_poly.pdbx_strand_id   A,B
#
loop_
_chem_comp.id
_chem_comp.type
_chem_comp.name
_chem_comp.formula
GLC D-saccharide, alpha linking alpha-D-glucopyranose 'C6 H12 O6'
#
# COMPACT_ATOMS: atom_id res chain seq x y z
N GLU A 11 20.47 19.84 -30.04
CA GLU A 11 20.11 19.35 -28.72
C GLU A 11 21.31 19.23 -27.80
N GLY A 12 22.13 20.27 -27.77
CA GLY A 12 23.20 20.39 -26.81
C GLY A 12 22.78 21.07 -25.53
N LYS A 13 21.47 21.25 -25.33
CA LYS A 13 20.90 21.96 -24.19
C LYS A 13 19.80 21.10 -23.58
N LEU A 14 19.12 21.63 -22.57
CA LEU A 14 18.06 20.92 -21.86
C LEU A 14 16.71 21.57 -22.14
N VAL A 15 15.75 20.78 -22.58
CA VAL A 15 14.36 21.19 -22.73
C VAL A 15 13.55 20.53 -21.63
N ILE A 16 12.71 21.31 -20.95
CA ILE A 16 11.97 20.84 -19.79
C ILE A 16 10.49 21.13 -19.99
N TRP A 17 9.65 20.15 -19.65
CA TRP A 17 8.20 20.29 -19.77
C TRP A 17 7.56 20.13 -18.39
N ILE A 18 6.71 21.09 -18.03
CA ILE A 18 5.97 21.07 -16.77
C ILE A 18 4.64 21.76 -17.01
N ASN A 19 3.63 21.37 -16.24
CA ASN A 19 2.27 21.83 -16.48
C ASN A 19 2.14 23.34 -16.23
N GLY A 20 1.23 23.96 -16.99
CA GLY A 20 1.07 25.40 -16.95
C GLY A 20 0.59 25.96 -15.63
N ASP A 21 0.04 25.11 -14.76
CA ASP A 21 -0.40 25.55 -13.45
C ASP A 21 0.71 25.52 -12.40
N LYS A 22 1.91 25.09 -12.78
CA LYS A 22 3.04 25.00 -11.86
C LYS A 22 3.95 26.20 -12.03
N GLY A 23 4.91 26.32 -11.10
CA GLY A 23 5.84 27.43 -11.11
C GLY A 23 6.94 27.30 -12.15
N TYR A 24 6.56 27.30 -13.43
CA TYR A 24 7.56 27.13 -14.50
C TYR A 24 8.51 28.32 -14.59
N ASN A 25 8.02 29.54 -14.33
CA ASN A 25 8.92 30.69 -14.26
C ASN A 25 9.97 30.48 -13.17
N GLY A 26 9.57 29.93 -12.04
CA GLY A 26 10.53 29.61 -10.99
C GLY A 26 11.50 28.52 -11.40
N LEU A 27 11.01 27.52 -12.14
CA LEU A 27 11.91 26.50 -12.67
C LEU A 27 12.88 27.09 -13.68
N ALA A 28 12.47 28.13 -14.40
CA ALA A 28 13.37 28.80 -15.33
C ALA A 28 14.51 29.49 -14.60
N GLU A 29 14.21 30.11 -13.45
CA GLU A 29 15.25 30.72 -12.63
C GLU A 29 16.35 29.71 -12.30
N VAL A 30 15.95 28.51 -11.88
CA VAL A 30 16.92 27.44 -11.65
C VAL A 30 17.68 27.14 -12.94
N GLY A 31 16.99 27.10 -14.08
CA GLY A 31 17.66 26.86 -15.34
C GLY A 31 18.67 27.93 -15.69
N LYS A 32 18.36 29.19 -15.40
CA LYS A 32 19.31 30.27 -15.66
C LYS A 32 20.59 30.08 -14.86
N LYS A 33 20.46 29.66 -13.60
CA LYS A 33 21.65 29.39 -12.79
C LYS A 33 22.43 28.21 -13.35
N PHE A 34 21.73 27.18 -13.83
CA PHE A 34 22.41 26.06 -14.48
C PHE A 34 23.17 26.53 -15.70
N GLU A 35 22.56 27.41 -16.52
CA GLU A 35 23.25 27.99 -17.65
C GLU A 35 24.41 28.87 -17.22
N LYS A 36 24.27 29.57 -16.09
CA LYS A 36 25.33 30.45 -15.64
C LYS A 36 26.60 29.68 -15.32
N ASP A 37 26.46 28.47 -14.76
CA ASP A 37 27.61 27.71 -14.30
C ASP A 37 28.17 26.79 -15.36
N THR A 38 27.34 26.28 -16.26
CA THR A 38 27.76 25.32 -17.27
C THR A 38 27.52 25.80 -18.68
N GLY A 39 26.98 27.01 -18.86
CA GLY A 39 26.63 27.52 -20.18
C GLY A 39 25.63 26.69 -20.93
N ILE A 40 24.97 25.76 -20.26
CA ILE A 40 23.95 24.91 -20.85
C ILE A 40 22.63 25.66 -20.75
N LYS A 41 22.09 26.10 -21.88
CA LYS A 41 20.79 26.74 -21.90
C LYS A 41 19.71 25.76 -21.45
N VAL A 42 18.77 26.25 -20.66
CA VAL A 42 17.65 25.47 -20.17
C VAL A 42 16.36 26.18 -20.57
N THR A 43 15.54 25.52 -21.37
CA THR A 43 14.28 26.08 -21.86
C THR A 43 13.13 25.32 -21.22
N VAL A 44 12.31 26.03 -20.45
CA VAL A 44 11.15 25.45 -19.77
C VAL A 44 9.91 25.76 -20.60
N GLU A 45 9.16 24.73 -20.94
CA GLU A 45 7.94 24.88 -21.72
C GLU A 45 6.78 24.23 -20.97
N HIS A 46 5.58 24.73 -21.24
CA HIS A 46 4.36 24.22 -20.58
C HIS A 46 3.25 24.03 -21.60
N PRO A 47 3.43 23.09 -22.53
CA PRO A 47 2.39 22.84 -23.53
C PRO A 47 1.14 22.26 -22.88
N ASP A 48 0.02 22.45 -23.57
CA ASP A 48 -1.25 21.91 -23.08
C ASP A 48 -1.26 20.40 -23.33
N LYS A 49 -1.88 19.66 -22.42
CA LYS A 49 -1.97 18.20 -22.52
C LYS A 49 -0.59 17.55 -22.63
N LEU A 50 0.40 18.12 -21.95
CA LEU A 50 1.77 17.62 -22.05
C LEU A 50 1.89 16.17 -21.62
N GLU A 51 1.03 15.74 -20.69
CA GLU A 51 1.07 14.34 -20.26
C GLU A 51 0.65 13.39 -21.38
N GLU A 52 -0.14 13.88 -22.34
CA GLU A 52 -0.54 13.07 -23.49
C GLU A 52 0.36 13.30 -24.70
N LYS A 53 0.94 14.50 -24.82
CA LYS A 53 1.82 14.77 -25.96
C LYS A 53 3.16 14.07 -25.81
N PHE A 54 3.73 14.10 -24.60
CA PHE A 54 5.02 13.45 -24.34
C PHE A 54 5.10 12.01 -24.83
N PRO A 55 4.18 11.10 -24.49
CA PRO A 55 4.30 9.73 -24.99
C PRO A 55 4.36 9.64 -26.50
N GLN A 56 3.72 10.56 -27.21
CA GLN A 56 3.73 10.55 -28.67
C GLN A 56 5.07 11.04 -29.21
N VAL A 57 5.54 12.19 -28.74
CA VAL A 57 6.82 12.72 -29.22
C VAL A 57 7.98 11.84 -28.73
N ALA A 58 7.88 11.31 -27.51
CA ALA A 58 8.99 10.53 -26.96
C ALA A 58 9.09 9.17 -27.64
N ALA A 59 7.95 8.58 -28.02
CA ALA A 59 7.97 7.26 -28.65
C ALA A 59 8.81 7.25 -29.92
N THR A 60 8.91 8.38 -30.61
CA THR A 60 9.69 8.48 -31.84
C THR A 60 11.14 8.87 -31.60
N GLY A 61 11.49 9.30 -30.39
CA GLY A 61 12.81 9.79 -30.09
C GLY A 61 12.90 11.29 -29.90
N ASP A 62 11.77 12.00 -29.98
CA ASP A 62 11.71 13.44 -29.80
C ASP A 62 11.21 13.76 -28.39
N GLY A 63 10.93 15.04 -28.14
CA GLY A 63 10.38 15.46 -26.88
C GLY A 63 11.40 16.08 -25.97
N PRO A 64 10.97 16.54 -24.80
CA PRO A 64 11.88 17.21 -23.87
C PRO A 64 12.88 16.24 -23.28
N ASP A 65 13.89 16.81 -22.61
CA ASP A 65 14.84 16.00 -21.87
C ASP A 65 14.30 15.61 -20.51
N ILE A 66 13.54 16.50 -19.88
CA ILE A 66 12.95 16.27 -18.57
C ILE A 66 11.46 16.59 -18.65
N ILE A 67 10.64 15.73 -18.06
CA ILE A 67 9.19 15.91 -18.01
C ILE A 67 8.74 15.94 -16.57
N PHE A 68 7.81 16.83 -16.26
CA PHE A 68 7.25 16.98 -14.92
C PHE A 68 5.76 16.65 -14.96
N TRP A 69 5.33 15.81 -14.04
CA TRP A 69 3.91 15.48 -13.87
C TRP A 69 3.79 14.65 -12.60
N ALA A 70 2.56 14.49 -12.13
CA ALA A 70 2.31 13.60 -11.01
C ALA A 70 2.76 12.19 -11.37
N HIS A 71 3.22 11.45 -10.34
CA HIS A 71 3.81 10.14 -10.56
C HIS A 71 2.87 9.16 -11.23
N ASP A 72 1.56 9.39 -11.19
CA ASP A 72 0.60 8.41 -11.67
C ASP A 72 0.73 8.11 -13.16
N ARG A 73 1.31 9.03 -13.93
CA ARG A 73 1.49 8.81 -15.36
C ARG A 73 2.78 8.10 -15.70
N PHE A 74 3.75 8.09 -14.77
CA PHE A 74 5.10 7.67 -15.11
C PHE A 74 5.23 6.16 -15.30
N GLY A 75 4.36 5.36 -14.70
CA GLY A 75 4.43 3.92 -14.92
C GLY A 75 4.13 3.55 -16.35
N GLY A 76 3.12 4.18 -16.95
CA GLY A 76 2.87 3.97 -18.36
C GLY A 76 4.00 4.46 -19.24
N TYR A 77 4.69 5.52 -18.83
CA TYR A 77 5.85 5.98 -19.57
C TYR A 77 6.99 4.96 -19.50
N ALA A 78 7.15 4.30 -18.36
CA ALA A 78 8.25 3.36 -18.19
C ALA A 78 8.00 2.06 -18.95
N GLN A 79 6.78 1.53 -18.87
CA GLN A 79 6.48 0.29 -19.58
C GLN A 79 6.64 0.46 -21.09
N SER A 80 6.41 1.68 -21.60
CA SER A 80 6.68 1.99 -23.00
C SER A 80 8.15 2.24 -23.27
N GLY A 81 9.01 2.22 -22.25
CA GLY A 81 10.42 2.46 -22.46
C GLY A 81 10.78 3.90 -22.74
N LEU A 82 9.99 4.85 -22.24
CA LEU A 82 10.22 6.26 -22.52
C LEU A 82 11.08 6.96 -21.46
N LEU A 83 11.39 6.29 -20.36
CA LEU A 83 12.08 6.92 -19.24
C LEU A 83 13.39 6.19 -18.96
N ALA A 84 14.48 6.95 -18.90
CA ALA A 84 15.74 6.39 -18.42
C ALA A 84 15.64 6.08 -16.93
N GLU A 85 16.31 5.00 -16.53
CA GLU A 85 16.35 4.64 -15.12
C GLU A 85 17.26 5.61 -14.37
N ILE A 86 16.80 6.10 -13.23
CA ILE A 86 17.62 6.96 -12.38
C ILE A 86 18.30 6.10 -11.33
N THR A 87 19.57 6.40 -11.08
CA THR A 87 20.38 5.67 -10.10
C THR A 87 21.14 6.67 -9.24
N PRO A 88 20.44 7.42 -8.39
CA PRO A 88 21.13 8.37 -7.52
C PRO A 88 21.90 7.65 -6.42
N ALA A 89 23.00 8.27 -6.00
CA ALA A 89 23.78 7.72 -4.91
C ALA A 89 22.94 7.68 -3.63
N ALA A 90 23.24 6.70 -2.77
CA ALA A 90 22.50 6.56 -1.52
C ALA A 90 22.49 7.84 -0.71
N ALA A 91 23.57 8.63 -0.80
CA ALA A 91 23.60 9.92 -0.10
C ALA A 91 22.49 10.84 -0.60
N PHE A 92 22.14 10.76 -1.88
CA PHE A 92 21.08 11.62 -2.41
C PHE A 92 19.70 11.08 -2.05
N GLN A 93 19.50 9.77 -2.16
CA GLN A 93 18.20 9.18 -1.81
C GLN A 93 17.82 9.50 -0.37
N ASP A 94 18.78 9.43 0.55
CA ASP A 94 18.52 9.74 1.95
C ASP A 94 17.99 11.16 2.14
N LYS A 95 18.28 12.07 1.21
CA LYS A 95 17.77 13.43 1.32
C LYS A 95 16.28 13.52 1.07
N LEU A 96 15.71 12.58 0.34
CA LEU A 96 14.28 12.57 0.06
C LEU A 96 13.59 11.51 0.92
N TYR A 97 12.33 11.79 1.26
CA TYR A 97 11.56 10.84 2.07
C TYR A 97 11.41 9.54 1.31
N PRO A 98 11.61 8.39 1.96
CA PRO A 98 11.47 7.11 1.24
C PRO A 98 10.10 6.91 0.59
N PHE A 99 9.03 7.41 1.20
CA PHE A 99 7.70 7.22 0.61
C PHE A 99 7.57 7.95 -0.72
N THR A 100 8.30 9.06 -0.91
CA THR A 100 8.26 9.73 -2.20
C THR A 100 9.04 8.96 -3.26
N TRP A 101 10.11 8.28 -2.87
CA TRP A 101 10.81 7.40 -3.79
C TRP A 101 9.92 6.26 -4.25
N ASP A 102 9.16 5.66 -3.32
CA ASP A 102 8.26 4.58 -3.67
C ASP A 102 7.26 5.00 -4.75
N ALA A 103 6.86 6.27 -4.74
CA ALA A 103 5.89 6.75 -5.72
C ALA A 103 6.44 6.67 -7.15
N VAL A 104 7.75 6.72 -7.31
CA VAL A 104 8.40 6.73 -8.62
C VAL A 104 9.14 5.43 -8.89
N ARG A 105 8.97 4.41 -8.07
CA ARG A 105 9.56 3.11 -8.35
C ARG A 105 8.55 2.26 -9.12
N TYR A 106 8.98 1.74 -10.26
CA TYR A 106 8.12 0.91 -11.12
C TYR A 106 8.88 -0.35 -11.47
N ASN A 107 8.34 -1.50 -11.07
CA ASN A 107 8.98 -2.80 -11.29
C ASN A 107 10.39 -2.83 -10.69
N GLY A 108 10.54 -2.25 -9.50
CA GLY A 108 11.81 -2.25 -8.80
C GLY A 108 12.82 -1.21 -9.26
N LYS A 109 12.51 -0.45 -10.32
CA LYS A 109 13.43 0.54 -10.85
C LYS A 109 12.87 1.93 -10.61
N LEU A 110 13.67 2.80 -10.02
CA LEU A 110 13.30 4.21 -9.90
C LEU A 110 13.30 4.84 -11.28
N ILE A 111 12.20 5.50 -11.63
CA ILE A 111 12.00 6.02 -12.98
C ILE A 111 11.85 7.53 -13.03
N ALA A 112 12.03 8.22 -11.89
CA ALA A 112 11.90 9.67 -11.83
C ALA A 112 12.34 10.15 -10.45
N TYR A 113 12.54 11.45 -10.35
CA TYR A 113 12.87 12.08 -9.07
C TYR A 113 11.60 12.64 -8.46
N PRO A 114 11.28 12.31 -7.21
CA PRO A 114 10.13 12.94 -6.57
C PRO A 114 10.44 14.37 -6.18
N ILE A 115 9.45 15.24 -6.34
CA ILE A 115 9.60 16.68 -6.07
C ILE A 115 8.76 17.12 -4.88
N ALA A 116 7.46 16.91 -4.94
CA ALA A 116 6.57 17.44 -3.92
C ALA A 116 5.28 16.63 -3.89
N VAL A 117 4.67 16.58 -2.71
CA VAL A 117 3.43 15.85 -2.49
C VAL A 117 2.27 16.83 -2.65
N GLU A 118 1.35 16.52 -3.57
CA GLU A 118 0.22 17.38 -3.89
C GLU A 118 -1.06 16.73 -3.38
N ALA A 119 -1.85 17.50 -2.65
CA ALA A 119 -3.15 17.04 -2.17
C ALA A 119 -4.11 18.22 -2.22
N LEU A 120 -5.35 17.94 -2.64
CA LEU A 120 -6.35 18.99 -2.68
C LEU A 120 -6.82 19.32 -1.28
N SER A 121 -7.18 20.59 -1.08
CA SER A 121 -7.74 21.06 0.18
C SER A 121 -8.93 21.95 -0.12
N LEU A 122 -9.73 22.20 0.91
CA LEU A 122 -10.84 23.13 0.79
C LEU A 122 -10.33 24.54 1.04
N ILE A 123 -10.51 25.43 0.06
CA ILE A 123 -10.12 26.83 0.16
C ILE A 123 -11.39 27.65 0.30
N TYR A 124 -11.46 28.48 1.33
CA TYR A 124 -12.66 29.24 1.64
C TYR A 124 -12.30 30.69 1.92
N ASN A 125 -13.26 31.58 1.65
CA ASN A 125 -13.11 33.01 1.88
C ASN A 125 -13.51 33.31 3.32
N LYS A 126 -12.55 33.77 4.13
CA LYS A 126 -12.84 34.06 5.53
C LYS A 126 -13.90 35.15 5.68
N ASP A 127 -13.83 36.19 4.85
CA ASP A 127 -14.81 37.27 4.93
C ASP A 127 -16.21 36.77 4.61
N LEU A 128 -16.34 35.97 3.55
CA LEU A 128 -17.64 35.41 3.19
C LEU A 128 -18.05 34.24 4.06
N LEU A 129 -17.10 33.58 4.72
CA LEU A 129 -17.41 32.36 5.45
C LEU A 129 -16.35 32.09 6.51
N PRO A 130 -16.40 32.77 7.66
CA PRO A 130 -15.37 32.57 8.69
C PRO A 130 -15.38 31.18 9.29
N ASN A 131 -16.49 30.44 9.19
CA ASN A 131 -16.60 29.08 9.72
C ASN A 131 -16.92 28.16 8.55
N PRO A 132 -15.90 27.59 7.90
CA PRO A 132 -16.17 26.73 6.74
C PRO A 132 -16.94 25.51 7.16
N PRO A 133 -17.72 24.92 6.27
CA PRO A 133 -18.50 23.73 6.62
C PRO A 133 -17.62 22.52 6.77
N LYS A 134 -18.02 21.64 7.69
CA LYS A 134 -17.30 20.39 7.92
C LYS A 134 -17.83 19.23 7.09
N THR A 135 -19.02 19.37 6.50
CA THR A 135 -19.65 18.28 5.77
C THR A 135 -20.17 18.78 4.43
N TRP A 136 -20.26 17.86 3.47
CA TRP A 136 -20.85 18.17 2.17
C TRP A 136 -22.35 18.44 2.31
N GLU A 137 -23.03 17.70 3.17
CA GLU A 137 -24.49 17.75 3.25
C GLU A 137 -25.00 19.15 3.58
N GLU A 138 -24.25 19.92 4.36
CA GLU A 138 -24.66 21.24 4.77
C GLU A 138 -24.30 22.33 3.77
N ILE A 139 -23.71 21.97 2.63
CA ILE A 139 -23.35 22.93 1.59
C ILE A 139 -24.58 23.47 0.87
N PRO A 140 -25.53 22.63 0.42
CA PRO A 140 -26.72 23.19 -0.26
C PRO A 140 -27.46 24.25 0.55
N ALA A 141 -27.63 24.04 1.85
CA ALA A 141 -28.24 25.07 2.68
C ALA A 141 -27.36 26.33 2.71
N LEU A 142 -26.04 26.15 2.74
CA LEU A 142 -25.14 27.30 2.75
C LEU A 142 -25.21 28.06 1.42
N ASP A 143 -25.40 27.34 0.31
CA ASP A 143 -25.38 27.97 -1.00
C ASP A 143 -26.57 28.88 -1.18
N LYS A 144 -27.78 28.33 -1.06
CA LYS A 144 -28.96 29.18 -1.06
C LYS A 144 -28.81 30.33 -0.08
N GLU A 145 -28.20 30.06 1.07
CA GLU A 145 -28.00 31.14 2.02
C GLU A 145 -27.14 32.24 1.41
N LEU A 146 -25.98 31.87 0.82
CA LEU A 146 -25.11 32.84 0.18
C LEU A 146 -25.74 33.41 -1.08
N LYS A 147 -26.58 32.64 -1.78
CA LYS A 147 -27.20 33.13 -3.01
C LYS A 147 -28.17 34.26 -2.75
N ALA A 148 -28.70 34.37 -1.53
CA ALA A 148 -29.51 35.52 -1.17
C ALA A 148 -28.71 36.82 -1.18
N LYS A 149 -27.39 36.73 -1.10
CA LYS A 149 -26.51 37.89 -1.12
C LYS A 149 -25.76 38.01 -2.43
N GLY A 150 -26.20 37.29 -3.47
CA GLY A 150 -25.52 37.32 -4.75
C GLY A 150 -24.25 36.52 -4.81
N LYS A 151 -24.06 35.56 -3.92
CA LYS A 151 -22.84 34.76 -3.87
C LYS A 151 -23.18 33.28 -3.91
N SER A 152 -22.20 32.46 -4.24
CA SER A 152 -22.37 31.01 -4.23
C SER A 152 -21.47 30.40 -3.16
N ALA A 153 -21.76 29.15 -2.82
CA ALA A 153 -21.00 28.49 -1.76
C ALA A 153 -19.72 27.86 -2.29
N LEU A 154 -19.81 27.15 -3.42
CA LEU A 154 -18.70 26.31 -3.85
C LEU A 154 -18.62 26.29 -5.37
N MET A 155 -17.41 26.46 -5.89
CA MET A 155 -17.13 26.30 -7.31
C MET A 155 -15.75 25.68 -7.46
N PHE A 156 -15.65 24.64 -8.28
CA PHE A 156 -14.35 24.01 -8.55
C PHE A 156 -14.43 23.31 -9.90
N ASN A 157 -13.26 22.94 -10.42
CA ASN A 157 -13.16 22.34 -11.74
C ASN A 157 -13.92 21.01 -11.81
N LEU A 158 -14.98 20.97 -12.61
CA LEU A 158 -15.77 19.77 -12.82
C LEU A 158 -15.40 19.04 -14.10
N GLN A 159 -14.45 19.56 -14.88
CA GLN A 159 -14.05 18.92 -16.13
C GLN A 159 -12.93 17.91 -15.93
N GLU A 160 -12.22 17.95 -14.81
CA GLU A 160 -11.16 17.01 -14.51
C GLU A 160 -11.57 16.15 -13.34
N PRO A 161 -11.62 14.82 -13.50
CA PRO A 161 -12.07 13.95 -12.41
C PRO A 161 -11.23 14.06 -11.14
N TYR A 162 -10.01 14.62 -11.24
CA TYR A 162 -9.15 14.79 -10.08
C TYR A 162 -9.85 15.54 -8.96
N PHE A 163 -10.67 16.53 -9.31
CA PHE A 163 -11.29 17.40 -8.32
C PHE A 163 -12.57 16.84 -7.73
N THR A 164 -13.24 15.91 -8.42
CA THR A 164 -14.46 15.29 -7.91
C THR A 164 -14.21 13.92 -7.29
N TRP A 165 -13.10 13.28 -7.61
CA TRP A 165 -12.77 12.00 -6.99
C TRP A 165 -12.76 12.01 -5.45
N PRO A 166 -12.30 13.06 -4.76
CA PRO A 166 -12.38 13.03 -3.28
C PRO A 166 -13.78 12.74 -2.76
N LEU A 167 -14.81 13.28 -3.41
CA LEU A 167 -16.18 13.04 -3.00
C LEU A 167 -16.66 11.65 -3.41
N ILE A 168 -16.27 11.19 -4.60
CA ILE A 168 -16.70 9.88 -5.07
C ILE A 168 -16.12 8.79 -4.18
N ALA A 169 -14.90 8.97 -3.69
CA ALA A 169 -14.20 7.96 -2.91
C ALA A 169 -14.51 8.02 -1.42
N ALA A 170 -15.21 9.05 -0.95
CA ALA A 170 -15.41 9.24 0.48
C ALA A 170 -16.17 8.07 1.09
N ASP A 171 -17.16 7.53 0.39
CA ASP A 171 -18.07 6.53 0.94
C ASP A 171 -17.85 5.13 0.36
N GLY A 172 -16.65 4.86 -0.15
CA GLY A 172 -16.30 3.52 -0.60
C GLY A 172 -15.81 3.43 -2.03
N GLY A 173 -15.84 4.51 -2.80
CA GLY A 173 -15.31 4.45 -4.16
C GLY A 173 -13.82 4.19 -4.16
N TYR A 174 -13.36 3.47 -5.19
CA TYR A 174 -11.94 3.22 -5.37
C TYR A 174 -11.66 2.92 -6.83
N ALA A 175 -10.39 3.03 -7.22
CA ALA A 175 -10.00 2.86 -8.61
C ALA A 175 -9.62 1.41 -8.91
N PHE A 176 -8.59 0.91 -8.25
CA PHE A 176 -8.15 -0.47 -8.40
C PHE A 176 -7.83 -0.99 -7.02
N LYS A 177 -8.44 -2.12 -6.65
CA LYS A 177 -8.23 -2.68 -5.33
C LYS A 177 -6.77 -3.04 -5.12
N TYR A 178 -6.24 -2.69 -3.96
CA TYR A 178 -4.87 -3.02 -3.59
C TYR A 178 -4.93 -4.34 -2.82
N ALA A 179 -4.63 -5.44 -3.51
CA ALA A 179 -4.78 -6.78 -2.96
C ALA A 179 -3.41 -7.45 -2.93
N ALA A 180 -2.92 -7.72 -1.72
CA ALA A 180 -1.68 -8.47 -1.51
C ALA A 180 -0.48 -7.79 -2.17
N GLY A 181 -0.31 -6.51 -1.86
CA GLY A 181 0.83 -5.75 -2.33
C GLY A 181 0.80 -5.38 -3.80
N LYS A 182 -0.27 -5.68 -4.52
CA LYS A 182 -0.37 -5.36 -5.94
C LYS A 182 -1.75 -4.79 -6.21
N TYR A 183 -1.81 -3.87 -7.17
CA TYR A 183 -3.09 -3.31 -7.59
C TYR A 183 -3.77 -4.28 -8.55
N ASP A 184 -4.98 -4.71 -8.18
CA ASP A 184 -5.74 -5.66 -8.99
C ASP A 184 -6.52 -4.87 -10.03
N ILE A 185 -6.01 -4.85 -11.26
CA ILE A 185 -6.67 -4.14 -12.34
C ILE A 185 -8.02 -4.73 -12.70
N LYS A 186 -8.36 -5.90 -12.16
CA LYS A 186 -9.67 -6.50 -12.40
C LYS A 186 -10.72 -6.04 -11.39
N ASP A 187 -10.29 -5.58 -10.22
CA ASP A 187 -11.19 -5.18 -9.15
C ASP A 187 -11.26 -3.65 -9.16
N VAL A 188 -12.17 -3.12 -9.97
CA VAL A 188 -12.42 -1.68 -10.06
C VAL A 188 -13.61 -1.34 -9.19
N GLY A 189 -13.56 -0.19 -8.53
CA GLY A 189 -14.63 0.21 -7.63
C GLY A 189 -15.23 1.56 -7.95
N VAL A 190 -15.43 1.86 -9.24
CA VAL A 190 -15.99 3.14 -9.63
C VAL A 190 -17.50 3.13 -9.74
N ASP A 191 -18.15 1.98 -9.56
CA ASP A 191 -19.61 1.89 -9.67
C ASP A 191 -20.20 1.08 -8.52
N ASN A 192 -19.52 1.06 -7.37
CA ASN A 192 -20.06 0.41 -6.19
C ASN A 192 -21.02 1.38 -5.49
N ALA A 193 -21.53 0.98 -4.33
CA ALA A 193 -22.49 1.81 -3.61
C ALA A 193 -21.90 3.18 -3.28
N GLY A 194 -20.66 3.21 -2.79
CA GLY A 194 -20.06 4.47 -2.41
C GLY A 194 -19.86 5.41 -3.58
N ALA A 195 -19.34 4.89 -4.69
CA ALA A 195 -19.11 5.70 -5.88
C ALA A 195 -20.41 6.36 -6.35
N LYS A 196 -21.47 5.55 -6.50
CA LYS A 196 -22.76 6.10 -6.93
C LYS A 196 -23.25 7.17 -5.95
N ALA A 197 -23.14 6.90 -4.65
CA ALA A 197 -23.58 7.86 -3.65
C ALA A 197 -22.83 9.19 -3.79
N GLY A 198 -21.51 9.12 -3.93
CA GLY A 198 -20.72 10.34 -4.06
C GLY A 198 -21.05 11.11 -5.32
N LEU A 199 -21.11 10.42 -6.45
CA LEU A 199 -21.42 11.09 -7.71
C LEU A 199 -22.85 11.64 -7.72
N THR A 200 -23.79 10.89 -7.14
CA THR A 200 -25.17 11.36 -7.10
C THR A 200 -25.28 12.69 -6.36
N PHE A 201 -24.65 12.79 -5.18
CA PHE A 201 -24.68 14.04 -4.42
C PHE A 201 -24.11 15.19 -5.25
N LEU A 202 -23.12 14.90 -6.09
CA LEU A 202 -22.55 15.95 -6.94
C LEU A 202 -23.50 16.30 -8.09
N VAL A 203 -24.11 15.29 -8.72
CA VAL A 203 -25.08 15.56 -9.77
C VAL A 203 -26.29 16.31 -9.22
N ASP A 204 -26.72 15.95 -8.00
CA ASP A 204 -27.81 16.67 -7.35
C ASP A 204 -27.46 18.13 -7.13
N LEU A 205 -26.20 18.42 -6.81
CA LEU A 205 -25.78 19.81 -6.63
C LEU A 205 -25.99 20.61 -7.89
N ILE A 206 -25.75 19.99 -9.06
CA ILE A 206 -25.94 20.68 -10.32
C ILE A 206 -27.43 20.86 -10.62
N LYS A 207 -28.19 19.76 -10.56
CA LYS A 207 -29.62 19.82 -10.84
C LYS A 207 -30.32 20.82 -9.93
N ASN A 208 -29.92 20.88 -8.66
CA ASN A 208 -30.48 21.85 -7.72
C ASN A 208 -29.86 23.24 -7.84
N LYS A 209 -29.14 23.50 -8.93
CA LYS A 209 -28.62 24.83 -9.27
C LYS A 209 -27.57 25.33 -8.28
N HIS A 210 -27.00 24.45 -7.45
CA HIS A 210 -25.94 24.88 -6.55
C HIS A 210 -24.59 24.97 -7.25
N MET A 211 -24.43 24.28 -8.38
CA MET A 211 -23.25 24.39 -9.22
C MET A 211 -23.68 24.19 -10.66
N ASN A 212 -22.82 24.59 -11.58
CA ASN A 212 -23.04 24.40 -13.00
C ASN A 212 -22.09 23.33 -13.52
N ALA A 213 -22.62 22.39 -14.30
CA ALA A 213 -21.80 21.34 -14.90
C ALA A 213 -20.69 21.90 -15.78
N ASP A 214 -20.71 23.20 -16.08
CA ASP A 214 -19.73 23.81 -16.95
C ASP A 214 -18.52 24.37 -16.22
N THR A 215 -18.58 24.48 -14.88
CA THR A 215 -17.46 25.03 -14.13
C THR A 215 -16.19 24.26 -14.45
N ASP A 216 -15.18 24.97 -14.91
CA ASP A 216 -13.87 24.39 -15.17
C ASP A 216 -12.85 25.09 -14.28
N TYR A 217 -11.57 24.83 -14.54
CA TYR A 217 -10.51 25.40 -13.70
C TYR A 217 -10.55 26.92 -13.71
N SER A 218 -10.48 27.52 -14.90
CA SER A 218 -10.40 28.97 -14.99
C SER A 218 -11.63 29.65 -14.39
N ILE A 219 -12.82 29.14 -14.70
CA ILE A 219 -14.06 29.74 -14.19
C ILE A 219 -14.06 29.72 -12.67
N ALA A 220 -13.69 28.58 -12.08
CA ALA A 220 -13.72 28.45 -10.62
C ALA A 220 -12.68 29.34 -9.97
N GLU A 221 -11.47 29.37 -10.50
CA GLU A 221 -10.43 30.23 -9.94
C GLU A 221 -10.81 31.70 -10.04
N ALA A 222 -11.34 32.12 -11.19
CA ALA A 222 -11.77 33.50 -11.36
C ALA A 222 -12.85 33.86 -10.35
N ALA A 223 -13.88 33.03 -10.23
CA ALA A 223 -15.00 33.36 -9.35
C ALA A 223 -14.55 33.46 -7.89
N PHE A 224 -13.64 32.58 -7.46
CA PHE A 224 -13.19 32.63 -6.07
C PHE A 224 -12.29 33.82 -5.82
N ASN A 225 -11.32 34.06 -6.72
CA ASN A 225 -10.39 35.16 -6.53
C ASN A 225 -11.07 36.52 -6.66
N LYS A 226 -12.26 36.57 -7.27
CA LYS A 226 -13.04 37.80 -7.34
C LYS A 226 -14.04 37.93 -6.20
N GLY A 227 -14.07 36.99 -5.27
CA GLY A 227 -14.99 37.07 -4.14
C GLY A 227 -16.42 36.73 -4.47
N GLU A 228 -16.66 35.98 -5.55
CA GLU A 228 -18.02 35.64 -5.96
C GLU A 228 -18.52 34.37 -5.29
N THR A 229 -17.64 33.39 -5.06
CA THR A 229 -17.99 32.15 -4.41
C THR A 229 -17.21 32.03 -3.11
N ALA A 230 -17.82 31.37 -2.12
CA ALA A 230 -17.21 31.28 -0.80
C ALA A 230 -16.13 30.23 -0.72
N MET A 231 -16.15 29.22 -1.60
CA MET A 231 -15.24 28.09 -1.46
C MET A 231 -14.84 27.55 -2.83
N THR A 232 -13.65 26.96 -2.87
CA THR A 232 -13.17 26.23 -4.04
C THR A 232 -12.33 25.05 -3.54
N ILE A 233 -12.03 24.14 -4.45
CA ILE A 233 -11.18 22.99 -4.18
C ILE A 233 -10.02 23.02 -5.15
N ASN A 234 -8.80 23.11 -4.63
CA ASN A 234 -7.61 23.23 -5.47
C ASN A 234 -6.40 22.79 -4.66
N GLY A 235 -5.25 22.74 -5.32
CA GLY A 235 -4.01 22.33 -4.71
C GLY A 235 -3.11 23.50 -4.37
N PRO A 236 -1.95 23.20 -3.79
CA PRO A 236 -1.05 24.27 -3.35
C PRO A 236 -0.64 25.24 -4.45
N TRP A 237 -0.56 24.79 -5.70
CA TRP A 237 -0.15 25.65 -6.79
C TRP A 237 -1.05 26.87 -6.94
N ALA A 238 -2.30 26.77 -6.49
CA ALA A 238 -3.27 27.84 -6.68
C ALA A 238 -3.14 28.96 -5.66
N TRP A 239 -2.41 28.75 -4.55
CA TRP A 239 -2.34 29.77 -3.50
C TRP A 239 -1.72 31.06 -4.01
N SER A 240 -0.82 30.98 -4.98
CA SER A 240 -0.10 32.17 -5.45
C SER A 240 -1.06 33.21 -6.01
N ASN A 241 -1.96 32.80 -6.89
CA ASN A 241 -2.91 33.73 -7.48
C ASN A 241 -3.90 34.25 -6.44
N ILE A 242 -4.27 33.42 -5.46
CA ILE A 242 -5.17 33.88 -4.41
C ILE A 242 -4.49 34.97 -3.58
N ASP A 243 -3.20 34.82 -3.30
CA ASP A 243 -2.45 35.87 -2.61
C ASP A 243 -2.52 37.18 -3.38
N THR A 244 -2.30 37.13 -4.70
CA THR A 244 -2.34 38.34 -5.52
C THR A 244 -3.73 38.96 -5.54
N SER A 245 -4.78 38.15 -5.36
CA SER A 245 -6.14 38.65 -5.48
C SER A 245 -6.63 39.39 -4.24
N ALA A 246 -5.85 39.40 -3.16
CA ALA A 246 -6.15 40.07 -1.89
C ALA A 246 -7.33 39.45 -1.15
N VAL A 247 -7.97 38.41 -1.69
CA VAL A 247 -9.00 37.70 -0.94
C VAL A 247 -8.36 37.07 0.30
N ASN A 248 -9.04 37.20 1.43
CA ASN A 248 -8.58 36.60 2.67
C ASN A 248 -9.11 35.16 2.71
N TYR A 249 -8.22 34.21 2.48
CA TYR A 249 -8.61 32.81 2.35
C TYR A 249 -7.95 31.96 3.43
N GLY A 250 -8.51 30.77 3.61
CA GLY A 250 -7.91 29.79 4.48
C GLY A 250 -7.96 28.42 3.80
N VAL A 251 -6.99 27.59 4.15
CA VAL A 251 -6.87 26.25 3.59
C VAL A 251 -7.15 25.25 4.71
N THR A 252 -8.19 24.45 4.54
CA THR A 252 -8.63 23.54 5.59
C THR A 252 -8.87 22.13 5.08
N VAL A 253 -9.41 21.26 5.94
CA VAL A 253 -9.70 19.88 5.56
C VAL A 253 -10.96 19.85 4.70
N LEU A 254 -10.97 18.96 3.70
CA LEU A 254 -12.12 18.82 2.84
C LEU A 254 -13.34 18.39 3.65
N PRO A 255 -14.55 18.72 3.21
CA PRO A 255 -15.75 18.34 3.95
C PRO A 255 -15.94 16.83 3.92
N THR A 256 -16.61 16.33 4.96
CA THR A 256 -16.93 14.92 5.00
C THR A 256 -18.23 14.65 4.23
N PHE A 257 -18.37 13.42 3.76
CA PHE A 257 -19.57 12.97 3.07
C PHE A 257 -20.06 11.70 3.74
N LYS A 258 -21.32 11.72 4.19
CA LYS A 258 -21.91 10.60 4.93
C LYS A 258 -21.04 10.20 6.11
N GLY A 259 -20.56 11.21 6.84
CA GLY A 259 -19.70 11.01 7.99
C GLY A 259 -18.28 10.61 7.69
N GLN A 260 -17.95 10.30 6.44
CA GLN A 260 -16.62 9.82 6.10
C GLN A 260 -15.82 10.91 5.39
N PRO A 261 -14.51 10.95 5.62
CA PRO A 261 -13.71 12.03 5.04
C PRO A 261 -13.56 11.88 3.54
N SER A 262 -13.44 13.02 2.86
CA SER A 262 -13.13 13.02 1.44
C SER A 262 -11.74 12.42 1.24
N LYS A 263 -11.60 11.60 0.19
CA LYS A 263 -10.39 10.81 -0.06
C LYS A 263 -9.79 11.22 -1.40
N PRO A 264 -9.06 12.32 -1.45
CA PRO A 264 -8.45 12.76 -2.71
C PRO A 264 -7.27 11.87 -3.08
N PHE A 265 -7.18 11.56 -4.37
CA PHE A 265 -6.01 10.89 -4.89
C PHE A 265 -4.80 11.82 -4.78
N VAL A 266 -3.80 11.41 -4.01
CA VAL A 266 -2.66 12.26 -3.71
C VAL A 266 -1.59 12.04 -4.78
N GLY A 267 -1.10 13.14 -5.34
CA GLY A 267 -0.07 13.09 -6.36
C GLY A 267 1.29 13.49 -5.83
N VAL A 268 2.32 12.94 -6.46
CA VAL A 268 3.71 13.31 -6.18
C VAL A 268 4.28 13.87 -7.48
N LEU A 269 4.47 15.18 -7.53
CA LEU A 269 5.09 15.79 -8.70
C LEU A 269 6.48 15.21 -8.90
N SER A 270 6.74 14.71 -10.10
CA SER A 270 7.97 13.99 -10.38
C SER A 270 8.57 14.47 -11.70
N ALA A 271 9.88 14.30 -11.83
CA ALA A 271 10.62 14.71 -13.01
C ALA A 271 11.26 13.47 -13.62
N GLY A 272 10.83 13.10 -14.81
CA GLY A 272 11.39 11.98 -15.54
C GLY A 272 12.35 12.44 -16.62
N ILE A 273 13.33 11.59 -16.91
CA ILE A 273 14.35 11.87 -17.92
C ILE A 273 14.03 11.04 -19.16
N ASN A 274 13.89 11.70 -20.30
CA ASN A 274 13.54 11.03 -21.54
C ASN A 274 14.61 10.00 -21.90
N ALA A 275 14.17 8.79 -22.22
CA ALA A 275 15.10 7.72 -22.57
C ALA A 275 15.81 7.99 -23.89
N ALA A 276 15.24 8.82 -24.74
CA ALA A 276 15.87 9.19 -26.00
C ALA A 276 16.70 10.46 -25.90
N SER A 277 16.66 11.13 -24.76
CA SER A 277 17.40 12.38 -24.60
C SER A 277 18.90 12.12 -24.71
N PRO A 278 19.63 12.90 -25.51
CA PRO A 278 21.09 12.75 -25.58
C PRO A 278 21.85 13.49 -24.48
N ASN A 279 21.15 14.06 -23.51
CA ASN A 279 21.76 14.83 -22.44
C ASN A 279 21.41 14.25 -21.07
N LYS A 280 21.33 12.92 -20.99
CA LYS A 280 20.90 12.26 -19.76
C LYS A 280 21.70 12.72 -18.55
N GLU A 281 23.03 12.79 -18.70
CA GLU A 281 23.89 13.14 -17.57
C GLU A 281 23.70 14.60 -17.16
N LEU A 282 23.38 15.49 -18.10
CA LEU A 282 23.12 16.88 -17.77
C LEU A 282 21.82 17.03 -16.99
N ALA A 283 20.75 16.42 -17.50
CA ALA A 283 19.48 16.39 -16.78
C ALA A 283 19.64 15.83 -15.38
N LYS A 284 20.54 14.86 -15.20
CA LYS A 284 20.76 14.26 -13.90
C LYS A 284 21.36 15.27 -12.92
N GLU A 285 22.40 15.99 -13.34
CA GLU A 285 23.04 16.93 -12.44
C GLU A 285 22.13 18.12 -12.14
N PHE A 286 21.36 18.57 -13.14
CA PHE A 286 20.43 19.67 -12.91
C PHE A 286 19.40 19.31 -11.84
N LEU A 287 18.72 18.18 -12.02
CA LEU A 287 17.69 17.79 -11.06
C LEU A 287 18.28 17.52 -9.69
N GLU A 288 19.40 16.79 -9.63
CA GLU A 288 19.96 16.38 -8.35
C GLU A 288 20.65 17.53 -7.62
N ASN A 289 21.37 18.39 -8.35
CA ASN A 289 22.23 19.38 -7.72
C ASN A 289 21.73 20.81 -7.82
N TYR A 290 20.75 21.08 -8.68
CA TYR A 290 20.20 22.43 -8.82
C TYR A 290 18.75 22.52 -8.36
N LEU A 291 17.87 21.67 -8.89
CA LEU A 291 16.46 21.74 -8.50
C LEU A 291 16.24 21.17 -7.11
N LEU A 292 16.63 19.93 -6.88
CA LEU A 292 16.37 19.29 -5.59
C LEU A 292 17.34 19.78 -4.52
N THR A 293 17.41 21.10 -4.36
CA THR A 293 18.14 21.73 -3.27
C THR A 293 17.22 22.76 -2.64
N ASP A 294 17.53 23.14 -1.40
CA ASP A 294 16.74 24.16 -0.72
C ASP A 294 16.63 25.42 -1.56
N GLU A 295 17.73 25.83 -2.19
CA GLU A 295 17.71 27.02 -3.02
C GLU A 295 16.87 26.79 -4.29
N GLY A 296 16.91 25.59 -4.84
CA GLY A 296 16.23 25.30 -6.09
C GLY A 296 14.74 25.08 -5.94
N LEU A 297 14.35 24.27 -4.96
CA LEU A 297 12.93 24.04 -4.72
C LEU A 297 12.21 25.33 -4.33
N GLU A 298 12.90 26.20 -3.59
CA GLU A 298 12.27 27.43 -3.14
C GLU A 298 12.07 28.40 -4.29
N ALA A 299 13.01 28.45 -5.23
CA ALA A 299 12.83 29.28 -6.42
C ALA A 299 11.57 28.89 -7.16
N VAL A 300 11.23 27.60 -7.17
CA VAL A 300 9.98 27.15 -7.74
C VAL A 300 8.81 27.47 -6.82
N ASN A 301 9.03 27.35 -5.51
CA ASN A 301 7.93 27.49 -4.55
C ASN A 301 7.42 28.92 -4.48
N LYS A 302 8.32 29.91 -4.60
CA LYS A 302 7.88 31.29 -4.55
C LYS A 302 7.16 31.73 -5.82
N ASP A 303 7.36 31.01 -6.93
CA ASP A 303 6.52 31.22 -8.11
C ASP A 303 5.14 30.62 -7.88
N LYS A 304 5.07 29.31 -7.62
CA LYS A 304 3.82 28.63 -7.31
C LYS A 304 4.12 27.56 -6.27
N PRO A 305 3.42 27.56 -5.13
CA PRO A 305 3.70 26.58 -4.08
C PRO A 305 3.66 25.14 -4.59
N LEU A 306 4.68 24.37 -4.22
CA LEU A 306 4.79 22.99 -4.65
C LEU A 306 3.96 22.04 -3.79
N GLY A 307 3.80 22.36 -2.51
CA GLY A 307 3.17 21.46 -1.56
C GLY A 307 4.15 21.02 -0.49
N ALA A 308 4.00 19.77 -0.06
CA ALA A 308 4.93 19.17 0.89
C ALA A 308 6.06 18.54 0.08
N VAL A 309 7.22 19.20 0.08
CA VAL A 309 8.31 18.79 -0.79
C VAL A 309 8.90 17.46 -0.31
N ALA A 310 9.43 16.69 -1.26
CA ALA A 310 10.10 15.43 -0.95
C ALA A 310 11.48 15.66 -0.34
N LEU A 311 12.09 16.81 -0.57
CA LEU A 311 13.41 17.10 0.00
C LEU A 311 13.25 17.41 1.48
N LYS A 312 13.86 16.56 2.32
CA LYS A 312 13.67 16.67 3.76
C LYS A 312 14.10 18.03 4.30
N SER A 313 15.25 18.53 3.85
CA SER A 313 15.80 19.76 4.41
C SER A 313 14.85 20.94 4.21
N TYR A 314 14.16 20.99 3.07
CA TYR A 314 13.28 22.11 2.76
C TYR A 314 11.87 21.92 3.31
N GLU A 315 11.43 20.68 3.50
CA GLU A 315 10.09 20.44 4.01
C GLU A 315 9.96 20.88 5.46
N GLU A 316 11.03 20.81 6.25
CA GLU A 316 10.98 21.21 7.65
C GLU A 316 10.49 22.65 7.79
N GLU A 317 10.86 23.51 6.85
CA GLU A 317 10.39 24.89 6.88
C GLU A 317 8.94 25.00 6.41
N LEU A 318 8.58 24.26 5.36
CA LEU A 318 7.21 24.35 4.84
C LEU A 318 6.20 23.71 5.77
N ALA A 319 6.60 22.63 6.47
CA ALA A 319 5.68 21.94 7.37
C ALA A 319 5.12 22.85 8.45
N LYS A 320 5.79 23.97 8.73
CA LYS A 320 5.28 24.94 9.69
C LYS A 320 4.13 25.77 9.13
N ASP A 321 4.00 25.86 7.81
CA ASP A 321 2.91 26.62 7.21
C ASP A 321 1.58 25.90 7.46
N PRO A 322 0.57 26.59 7.99
CA PRO A 322 -0.72 25.92 8.21
C PRO A 322 -1.39 25.44 6.93
N ARG A 323 -1.17 26.11 5.81
CA ARG A 323 -1.73 25.64 4.55
C ARG A 323 -1.11 24.30 4.15
N ILE A 324 0.20 24.14 4.36
CA ILE A 324 0.84 22.86 4.13
C ILE A 324 0.33 21.83 5.13
N ALA A 325 0.08 22.24 6.37
CA ALA A 325 -0.47 21.33 7.36
C ALA A 325 -1.81 20.76 6.92
N ALA A 326 -2.68 21.61 6.37
CA ALA A 326 -3.96 21.14 5.85
C ALA A 326 -3.77 20.24 4.63
N THR A 327 -2.79 20.56 3.79
CA THR A 327 -2.51 19.73 2.61
C THR A 327 -2.19 18.30 3.02
N MET A 328 -1.40 18.13 4.09
CA MET A 328 -1.03 16.79 4.53
C MET A 328 -2.18 16.09 5.24
N GLU A 329 -2.96 16.83 6.03
CA GLU A 329 -4.14 16.22 6.67
C GLU A 329 -5.09 15.68 5.61
N ASN A 330 -5.39 16.49 4.59
CA ASN A 330 -6.16 16.01 3.46
C ASN A 330 -5.42 14.89 2.74
N ALA A 331 -4.09 14.95 2.68
CA ALA A 331 -3.32 13.90 2.05
C ALA A 331 -3.41 12.59 2.84
N GLN A 332 -3.32 12.67 4.16
CA GLN A 332 -3.39 11.47 4.99
C GLN A 332 -4.76 10.81 4.95
N LYS A 333 -5.81 11.56 4.62
CA LYS A 333 -7.14 10.98 4.50
C LYS A 333 -7.42 10.41 3.12
N GLY A 334 -6.63 10.78 2.12
CA GLY A 334 -6.71 10.20 0.80
C GLY A 334 -5.72 9.06 0.62
N GLU A 335 -5.36 8.82 -0.63
CA GLU A 335 -4.43 7.74 -0.96
C GLU A 335 -3.48 8.21 -2.05
N ILE A 336 -2.20 7.85 -1.90
CA ILE A 336 -1.24 8.05 -2.97
C ILE A 336 -1.71 7.28 -4.19
N MET A 337 -1.78 7.96 -5.34
CA MET A 337 -2.26 7.32 -6.54
C MET A 337 -1.34 6.16 -6.92
N PRO A 338 -1.88 5.14 -7.57
CA PRO A 338 -1.02 4.14 -8.20
C PRO A 338 -0.25 4.80 -9.34
N ASN A 339 0.88 4.19 -9.70
CA ASN A 339 1.62 4.61 -10.89
C ASN A 339 1.47 3.63 -12.02
N ILE A 340 0.65 2.60 -11.87
CA ILE A 340 0.50 1.53 -12.84
C ILE A 340 0.04 2.11 -14.18
N PRO A 341 0.39 1.49 -15.30
CA PRO A 341 -0.01 2.05 -16.60
C PRO A 341 -1.50 2.23 -16.77
N GLN A 342 -2.32 1.40 -16.14
CA GLN A 342 -3.77 1.47 -16.30
C GLN A 342 -4.38 2.73 -15.70
N MET A 343 -3.59 3.54 -14.98
CA MET A 343 -4.12 4.77 -14.40
C MET A 343 -4.64 5.71 -15.49
N SER A 344 -4.00 5.72 -16.66
CA SER A 344 -4.49 6.54 -17.76
C SER A 344 -5.90 6.16 -18.17
N ALA A 345 -6.17 4.84 -18.23
CA ALA A 345 -7.51 4.39 -18.59
C ALA A 345 -8.52 4.71 -17.50
N PHE A 346 -8.12 4.58 -16.24
CA PHE A 346 -9.02 4.91 -15.14
C PHE A 346 -9.44 6.37 -15.19
N TRP A 347 -8.48 7.27 -15.46
CA TRP A 347 -8.79 8.69 -15.44
C TRP A 347 -9.73 9.09 -16.57
N TYR A 348 -9.52 8.54 -17.76
CA TYR A 348 -10.44 8.79 -18.87
C TYR A 348 -11.85 8.31 -18.51
N ALA A 349 -11.94 7.08 -18.00
CA ALA A 349 -13.25 6.50 -17.67
C ALA A 349 -14.01 7.38 -16.69
N VAL A 350 -13.34 7.83 -15.62
CA VAL A 350 -14.01 8.64 -14.61
C VAL A 350 -14.32 10.03 -15.15
N ARG A 351 -13.41 10.59 -15.96
CA ARG A 351 -13.65 11.90 -16.56
C ARG A 351 -14.94 11.91 -17.38
N THR A 352 -15.10 10.93 -18.27
CA THR A 352 -16.29 10.88 -19.11
C THR A 352 -17.55 10.63 -18.27
N ALA A 353 -17.46 9.74 -17.28
CA ALA A 353 -18.62 9.41 -16.46
C ALA A 353 -19.14 10.65 -15.74
N VAL A 354 -18.25 11.46 -15.18
CA VAL A 354 -18.67 12.65 -14.47
C VAL A 354 -19.26 13.67 -15.44
N ILE A 355 -18.58 13.91 -16.56
CA ILE A 355 -19.06 14.87 -17.56
C ILE A 355 -20.43 14.45 -18.09
N ASN A 356 -20.67 13.15 -18.23
CA ASN A 356 -21.95 12.68 -18.74
C ASN A 356 -23.05 12.74 -17.69
N ALA A 357 -22.74 12.36 -16.46
CA ALA A 357 -23.73 12.41 -15.39
C ALA A 357 -23.99 13.84 -14.92
N ALA A 358 -22.99 14.73 -15.06
CA ALA A 358 -23.18 16.11 -14.64
C ALA A 358 -24.11 16.85 -15.59
N SER A 359 -23.94 16.66 -16.90
CA SER A 359 -24.77 17.31 -17.90
C SER A 359 -26.17 16.73 -17.99
N GLY A 360 -26.46 15.66 -17.24
CA GLY A 360 -27.71 14.95 -17.38
C GLY A 360 -27.84 14.11 -18.63
N ARG A 361 -26.92 14.25 -19.59
CA ARG A 361 -26.97 13.48 -20.82
C ARG A 361 -26.89 11.98 -20.57
N GLN A 362 -26.52 11.55 -19.37
CA GLN A 362 -26.49 10.14 -19.01
C GLN A 362 -26.75 10.02 -17.51
N THR A 363 -27.36 8.91 -17.12
CA THR A 363 -27.67 8.68 -15.72
C THR A 363 -26.41 8.24 -14.96
N VAL A 364 -26.41 8.51 -13.66
CA VAL A 364 -25.27 8.16 -12.80
C VAL A 364 -24.98 6.67 -12.89
N ASP A 365 -26.02 5.84 -12.87
CA ASP A 365 -25.84 4.39 -12.99
C ASP A 365 -25.11 4.03 -14.27
N ALA A 366 -25.58 4.55 -15.41
CA ALA A 366 -24.98 4.16 -16.69
C ALA A 366 -23.61 4.79 -16.90
N ALA A 367 -23.38 5.98 -16.34
CA ALA A 367 -22.08 6.61 -16.48
C ALA A 367 -21.00 5.80 -15.79
N LEU A 368 -21.25 5.40 -14.54
CA LEU A 368 -20.27 4.63 -13.79
C LEU A 368 -20.13 3.22 -14.34
N ALA A 369 -21.25 2.60 -14.73
CA ALA A 369 -21.21 1.28 -15.34
C ALA A 369 -20.36 1.27 -16.60
N ALA A 370 -20.40 2.35 -17.37
CA ALA A 370 -19.53 2.46 -18.54
C ALA A 370 -18.08 2.70 -18.13
N ALA A 371 -17.87 3.51 -17.09
CA ALA A 371 -16.52 3.71 -16.59
C ALA A 371 -15.95 2.42 -16.01
N GLN A 372 -16.79 1.64 -15.32
CA GLN A 372 -16.34 0.36 -14.77
C GLN A 372 -15.78 -0.54 -15.85
N THR A 373 -16.48 -0.64 -16.99
CA THR A 373 -16.02 -1.49 -18.08
C THR A 373 -14.69 -1.00 -18.63
N ASN A 374 -14.59 0.28 -18.95
CA ASN A 374 -13.42 0.83 -19.61
C ASN A 374 -12.30 1.27 -18.67
N ALA A 375 -12.55 1.31 -17.35
CA ALA A 375 -11.46 1.59 -16.42
C ALA A 375 -10.43 0.47 -16.44
N ALA A 376 -10.89 -0.78 -16.30
CA ALA A 376 -10.00 -1.93 -16.37
C ALA A 376 -9.69 -2.35 -17.79
N ALA A 377 -10.52 -1.94 -18.75
CA ALA A 377 -10.25 -2.26 -20.14
C ALA A 377 -9.00 -1.54 -20.61
N MET A 378 -8.29 -2.17 -21.54
CA MET A 378 -7.12 -1.53 -22.14
C MET A 378 -7.56 -0.30 -22.92
N ASP A 379 -6.92 0.83 -22.65
CA ASP A 379 -7.26 2.09 -23.29
C ASP A 379 -6.20 2.44 -24.33
N MET A 380 -6.56 3.36 -25.21
CA MET A 380 -5.68 3.81 -26.28
C MET A 380 -4.64 4.79 -25.75
N LYS A 381 -3.87 4.34 -24.76
CA LYS A 381 -2.72 5.09 -24.26
C LYS A 381 -1.44 4.29 -24.41
N GLU A 382 -1.43 3.04 -23.97
CA GLU A 382 -0.36 2.11 -24.30
C GLU A 382 -0.59 1.44 -25.64
N TRP A 383 -1.70 1.73 -26.31
CA TRP A 383 -1.94 1.27 -27.66
C TRP A 383 -1.46 2.25 -28.71
N GLU A 384 -1.48 3.55 -28.41
CA GLU A 384 -0.89 4.54 -29.31
C GLU A 384 0.54 4.18 -29.65
N ILE A 385 1.27 3.64 -28.67
CA ILE A 385 2.67 3.25 -28.90
C ILE A 385 2.75 2.14 -29.93
N PHE A 386 2.13 1.00 -29.62
CA PHE A 386 2.18 -0.15 -30.53
C PHE A 386 1.56 0.20 -31.88
N TYR A 387 0.47 0.97 -31.87
CA TYR A 387 -0.31 1.20 -33.08
C TYR A 387 0.53 1.84 -34.19
N ASN A 388 0.98 3.07 -33.98
CA ASN A 388 1.72 3.76 -35.03
C ASN A 388 3.05 3.08 -35.33
N LYS A 389 3.68 2.50 -34.30
CA LYS A 389 4.90 1.72 -34.54
C LYS A 389 4.65 0.64 -35.59
N ILE A 390 3.50 -0.04 -35.51
CA ILE A 390 3.16 -1.06 -36.50
C ILE A 390 2.74 -0.44 -37.83
N MET A 391 2.08 0.72 -37.79
CA MET A 391 1.49 1.29 -39.00
C MET A 391 2.57 1.72 -40.00
N GLU A 392 3.58 2.43 -39.53
CA GLU A 392 4.67 2.86 -40.42
C GLU A 392 5.73 1.80 -40.61
N ASP A 393 5.83 0.82 -39.72
CA ASP A 393 6.75 -0.31 -39.93
C ASP A 393 6.32 -1.14 -41.12
N PHE A 394 5.01 -1.34 -41.29
CA PHE A 394 4.49 -2.04 -42.46
C PHE A 394 4.07 -1.09 -43.58
N GLY A 395 3.84 0.18 -43.28
CA GLY A 395 3.41 1.14 -44.27
C GLY A 395 1.93 1.30 -44.41
N PHE A 396 1.14 0.82 -43.45
CA PHE A 396 -0.31 0.92 -43.55
C PHE A 396 -0.75 2.37 -43.54
N ASP A 397 -1.89 2.64 -44.18
CA ASP A 397 -2.44 3.99 -44.29
C ASP A 397 -3.30 4.25 -43.06
N LYS A 398 -2.81 5.12 -42.18
CA LYS A 398 -3.54 5.45 -40.95
C LYS A 398 -4.94 5.96 -41.26
N ASP A 399 -5.08 6.78 -42.30
CA ASP A 399 -6.40 7.32 -42.63
C ASP A 399 -7.35 6.24 -43.11
N LYS A 400 -6.82 5.15 -43.70
CA LYS A 400 -7.68 4.09 -44.20
C LYS A 400 -8.19 3.18 -43.08
N ASP A 401 -7.38 2.94 -42.05
CA ASP A 401 -7.90 2.31 -40.85
C ASP A 401 -9.08 3.10 -40.28
N VAL A 402 -9.08 4.43 -40.45
CA VAL A 402 -10.23 5.23 -40.03
C VAL A 402 -11.45 4.91 -40.87
N GLU A 403 -11.31 5.04 -42.18
CA GLU A 403 -12.44 4.89 -43.08
C GLU A 403 -13.09 3.52 -42.93
N SER A 404 -12.29 2.47 -42.75
CA SER A 404 -12.85 1.13 -42.61
C SER A 404 -13.54 0.96 -41.26
N ALA A 405 -12.95 1.50 -40.19
CA ALA A 405 -13.59 1.43 -38.88
C ALA A 405 -14.95 2.10 -38.91
N VAL A 406 -15.02 3.32 -39.45
CA VAL A 406 -16.29 4.04 -39.55
C VAL A 406 -17.29 3.25 -40.38
N ILE A 407 -16.85 2.77 -41.54
CA ILE A 407 -17.74 2.01 -42.42
C ILE A 407 -18.30 0.79 -41.70
N LEU A 408 -17.43 -0.02 -41.08
CA LEU A 408 -17.88 -1.19 -40.33
C LEU A 408 -18.97 -0.82 -39.32
N ASN A 409 -18.84 0.32 -38.66
CA ASN A 409 -19.82 0.75 -37.66
C ASN A 409 -21.16 1.02 -38.29
N ASN A 410 -21.19 1.83 -39.35
CA ASN A 410 -22.45 2.20 -39.97
C ASN A 410 -23.19 0.97 -40.46
N ILE A 411 -22.47 -0.03 -40.94
CA ILE A 411 -23.11 -1.23 -41.48
C ILE A 411 -23.78 -2.03 -40.37
N LEU A 412 -23.18 -2.09 -39.18
CA LEU A 412 -23.75 -2.84 -38.07
C LEU A 412 -24.91 -2.11 -37.40
N GLU A 413 -25.14 -0.85 -37.73
CA GLU A 413 -26.22 -0.10 -37.10
C GLU A 413 -27.58 -0.70 -37.41
N ASN A 414 -27.72 -1.39 -38.54
CA ASN A 414 -29.04 -1.78 -39.01
C ASN A 414 -29.16 -3.26 -39.37
N ALA A 415 -28.15 -4.07 -39.06
CA ALA A 415 -28.17 -5.45 -39.55
C ALA A 415 -27.46 -6.37 -38.56
N ASN A 416 -28.24 -7.23 -37.89
CA ASN A 416 -27.79 -8.50 -37.34
C ASN A 416 -26.59 -8.36 -36.39
N THR A 417 -26.82 -7.66 -35.29
CA THR A 417 -25.79 -7.47 -34.27
C THR A 417 -25.96 -8.47 -33.13
N ILE A 418 -24.91 -8.59 -32.32
CA ILE A 418 -24.96 -9.28 -31.04
C ILE A 418 -24.48 -8.30 -29.96
N PRO A 419 -25.15 -8.22 -28.82
CA PRO A 419 -24.70 -7.30 -27.76
C PRO A 419 -23.36 -7.73 -27.19
N VAL A 420 -22.59 -6.74 -26.75
CA VAL A 420 -21.24 -7.01 -26.24
C VAL A 420 -21.31 -7.88 -25.00
N ASP A 421 -22.21 -7.56 -24.07
CA ASP A 421 -22.30 -8.26 -22.80
C ASP A 421 -22.79 -9.69 -22.93
N LYS A 422 -23.12 -10.15 -24.13
CA LYS A 422 -23.39 -11.57 -24.32
C LYS A 422 -22.09 -12.36 -24.42
N LEU A 423 -21.01 -11.72 -24.82
CA LEU A 423 -19.68 -12.34 -24.75
C LEU A 423 -19.13 -12.24 -23.33
N LYS A 424 -19.42 -11.12 -22.65
CA LYS A 424 -19.21 -11.03 -21.21
C LYS A 424 -19.95 -12.14 -20.48
N ASP A 425 -21.07 -12.62 -21.05
CA ASP A 425 -21.75 -13.78 -20.49
C ASP A 425 -20.94 -15.06 -20.67
N ILE A 426 -20.13 -15.13 -21.71
CA ILE A 426 -19.27 -16.29 -21.93
C ILE A 426 -17.91 -16.09 -21.28
N ILE A 427 -17.29 -14.94 -21.51
CA ILE A 427 -15.92 -14.68 -21.11
C ILE A 427 -15.98 -13.96 -19.77
N GLU A 428 -15.94 -14.72 -18.69
CA GLU A 428 -15.75 -14.14 -17.35
C GLU A 428 -15.50 -15.25 -16.35
N GLY A 429 -14.52 -15.03 -15.47
CA GLY A 429 -14.19 -15.98 -14.42
C GLY A 429 -14.02 -17.40 -14.91
N ARG A 430 -13.73 -17.56 -16.19
CA ARG A 430 -13.58 -18.84 -16.83
C ARG A 430 -12.17 -18.97 -17.39
N GLU A 431 -11.81 -20.20 -17.75
CA GLU A 431 -10.48 -20.49 -18.30
C GLU A 431 -10.61 -20.57 -19.82
N VAL A 432 -10.59 -19.39 -20.46
CA VAL A 432 -10.86 -19.30 -21.89
C VAL A 432 -9.74 -19.96 -22.67
N PHE A 433 -10.11 -20.70 -23.71
CA PHE A 433 -9.14 -21.25 -24.65
C PHE A 433 -9.01 -20.31 -25.84
N ILE A 434 -7.77 -19.96 -26.16
CA ILE A 434 -7.44 -19.12 -27.30
C ILE A 434 -6.65 -19.97 -28.29
N PHE A 435 -7.10 -20.01 -29.54
CA PHE A 435 -6.47 -20.86 -30.55
C PHE A 435 -6.08 -20.03 -31.76
N GLY A 436 -4.80 -20.11 -32.14
CA GLY A 436 -4.33 -19.61 -33.41
C GLY A 436 -4.29 -20.72 -34.46
N ALA A 437 -3.85 -20.34 -35.65
CA ALA A 437 -3.71 -21.27 -36.76
C ALA A 437 -2.36 -21.98 -36.76
N GLY A 438 -1.72 -22.08 -35.60
CA GLY A 438 -0.38 -22.60 -35.49
C GLY A 438 -0.22 -24.05 -35.91
N PRO A 439 0.99 -24.56 -35.74
CA PRO A 439 1.29 -25.92 -36.21
C PRO A 439 0.66 -27.01 -35.38
N SER A 440 0.53 -26.79 -34.07
CA SER A 440 0.03 -27.80 -33.15
C SER A 440 -1.47 -27.70 -32.96
N ILE A 441 -2.19 -27.13 -33.91
CA ILE A 441 -3.61 -26.91 -33.74
C ILE A 441 -4.35 -28.23 -33.51
N LYS A 442 -4.06 -29.23 -34.35
CA LYS A 442 -4.73 -30.51 -34.20
C LYS A 442 -4.29 -31.22 -32.92
N LYS A 443 -3.00 -31.15 -32.59
CA LYS A 443 -2.52 -31.69 -31.32
C LYS A 443 -3.24 -31.03 -30.15
N HIS A 444 -3.21 -29.70 -30.08
CA HIS A 444 -3.81 -29.00 -28.94
C HIS A 444 -5.32 -29.17 -28.92
N ILE A 445 -5.98 -29.11 -30.08
CA ILE A 445 -7.41 -29.40 -30.13
C ILE A 445 -7.71 -30.77 -29.56
N ASN A 446 -6.77 -31.71 -29.71
CA ASN A 446 -6.92 -33.02 -29.07
C ASN A 446 -6.82 -32.90 -27.55
N ILE A 447 -5.88 -32.09 -27.06
CA ILE A 447 -5.79 -31.85 -25.62
C ILE A 447 -7.11 -31.28 -25.10
N LEU A 448 -7.67 -30.31 -25.82
CA LEU A 448 -8.89 -29.65 -25.37
C LEU A 448 -10.08 -30.60 -25.39
N LYS A 449 -10.24 -31.35 -26.50
CA LYS A 449 -11.38 -32.25 -26.60
C LYS A 449 -11.42 -33.21 -25.42
N GLU A 450 -10.39 -34.03 -25.26
CA GLU A 450 -10.28 -34.91 -24.10
C GLU A 450 -10.32 -34.14 -22.78
N LEU A 451 -10.06 -32.83 -22.82
CA LEU A 451 -10.27 -31.99 -21.64
C LEU A 451 -11.72 -31.53 -21.55
N ARG A 452 -12.36 -31.27 -22.68
CA ARG A 452 -13.78 -30.94 -22.68
C ARG A 452 -14.66 -32.18 -22.55
N GLU A 453 -14.21 -33.31 -23.10
CA GLU A 453 -14.93 -34.57 -22.93
C GLU A 453 -15.07 -34.97 -21.47
N ILE A 454 -14.36 -34.31 -20.55
CA ILE A 454 -14.46 -34.66 -19.13
C ILE A 454 -15.13 -33.54 -18.35
N ASN A 455 -16.01 -32.79 -19.01
CA ASN A 455 -16.89 -31.77 -18.45
C ASN A 455 -16.23 -30.41 -18.20
N TYR A 456 -14.92 -30.25 -18.45
CA TYR A 456 -14.28 -28.95 -18.30
C TYR A 456 -14.52 -28.13 -19.57
N LYS A 457 -15.77 -27.72 -19.74
CA LYS A 457 -16.26 -27.10 -20.96
C LYS A 457 -16.40 -25.60 -20.71
N ASN A 458 -15.36 -24.87 -21.05
CA ASN A 458 -15.31 -23.44 -20.81
C ASN A 458 -15.14 -22.74 -22.16
N PRO A 459 -15.18 -21.38 -22.22
CA PRO A 459 -15.16 -20.69 -23.53
C PRO A 459 -14.02 -21.08 -24.46
N ILE A 460 -14.21 -20.82 -25.76
CA ILE A 460 -13.22 -21.11 -26.79
C ILE A 460 -13.26 -19.97 -27.78
N ILE A 461 -12.18 -19.19 -27.86
CA ILE A 461 -12.01 -18.15 -28.86
C ILE A 461 -10.91 -18.59 -29.81
N VAL A 462 -11.18 -18.51 -31.11
CA VAL A 462 -10.26 -19.00 -32.12
C VAL A 462 -10.03 -17.91 -33.17
N ALA A 463 -8.82 -17.90 -33.73
CA ALA A 463 -8.54 -17.01 -34.83
C ALA A 463 -9.23 -17.53 -36.09
N ASP A 464 -9.34 -16.65 -37.09
CA ASP A 464 -10.08 -16.97 -38.31
C ASP A 464 -9.56 -18.25 -38.96
N GLY A 465 -8.25 -18.33 -39.16
CA GLY A 465 -7.66 -19.43 -39.88
C GLY A 465 -7.81 -20.79 -39.22
N ALA A 466 -8.40 -20.82 -38.03
CA ALA A 466 -8.59 -22.05 -37.28
C ALA A 466 -10.02 -22.58 -37.34
N CYS A 467 -10.90 -21.93 -38.10
CA CYS A 467 -12.31 -22.35 -38.15
C CYS A 467 -12.45 -23.77 -38.68
N LYS A 468 -11.92 -24.03 -39.88
CA LYS A 468 -12.07 -25.36 -40.46
C LYS A 468 -11.32 -26.41 -39.66
N ALA A 469 -10.25 -26.00 -39.00
CA ALA A 469 -9.46 -26.85 -38.14
C ALA A 469 -10.23 -27.33 -36.92
N PHE A 470 -11.34 -26.66 -36.59
CA PHE A 470 -12.19 -27.03 -35.47
C PHE A 470 -13.45 -27.76 -35.92
N LEU A 471 -14.01 -27.38 -37.08
CA LEU A 471 -15.20 -28.04 -37.59
C LEU A 471 -14.96 -29.53 -37.78
N GLU A 472 -13.82 -29.90 -38.35
CA GLU A 472 -13.51 -31.30 -38.62
C GLU A 472 -13.61 -32.17 -37.38
N GLU A 473 -13.45 -31.59 -36.19
CA GLU A 473 -13.64 -32.30 -34.94
C GLU A 473 -14.96 -31.94 -34.27
N ASN A 474 -15.88 -31.33 -35.02
CA ASN A 474 -17.18 -30.88 -34.52
C ASN A 474 -17.05 -30.16 -33.18
N ILE A 475 -16.19 -29.15 -33.18
CA ILE A 475 -16.05 -28.23 -32.06
C ILE A 475 -16.38 -26.85 -32.62
N ILE A 476 -17.51 -26.29 -32.20
CA ILE A 476 -18.01 -25.04 -32.72
C ILE A 476 -17.49 -23.92 -31.82
N PRO A 477 -16.52 -23.12 -32.26
CA PRO A 477 -15.97 -22.07 -31.39
C PRO A 477 -17.05 -21.13 -30.90
N ASP A 478 -16.88 -20.66 -29.67
CA ASP A 478 -17.83 -19.71 -29.12
C ASP A 478 -17.66 -18.34 -29.77
N ILE A 479 -16.42 -17.90 -29.94
CA ILE A 479 -16.11 -16.64 -30.61
C ILE A 479 -15.03 -16.90 -31.65
N ILE A 480 -15.11 -16.17 -32.76
CA ILE A 480 -14.11 -16.25 -33.80
C ILE A 480 -13.68 -14.82 -34.15
N VAL A 481 -12.39 -14.54 -34.02
CA VAL A 481 -11.84 -13.24 -34.37
C VAL A 481 -11.32 -13.32 -35.80
N SER A 482 -11.83 -12.46 -36.66
CA SER A 482 -11.52 -12.55 -38.08
C SER A 482 -11.55 -11.16 -38.69
N ASP A 483 -10.67 -10.96 -39.68
CA ASP A 483 -10.71 -9.81 -40.57
C ASP A 483 -11.36 -10.14 -41.90
N LEU A 484 -11.90 -11.35 -42.04
CA LEU A 484 -12.61 -11.78 -43.25
C LEU A 484 -11.68 -11.82 -44.46
N ASP A 485 -10.46 -12.32 -44.28
CA ASP A 485 -9.47 -12.29 -45.35
C ASP A 485 -9.46 -13.57 -46.19
N GLY A 486 -9.30 -14.73 -45.53
CA GLY A 486 -9.10 -15.96 -46.26
C GLY A 486 -10.34 -16.79 -46.50
N ASP A 487 -10.26 -18.09 -46.18
CA ASP A 487 -11.35 -19.02 -46.44
C ASP A 487 -12.52 -18.70 -45.53
N LEU A 488 -13.54 -18.07 -46.08
CA LEU A 488 -14.70 -17.64 -45.30
C LEU A 488 -15.77 -18.71 -45.19
N GLU A 489 -15.65 -19.82 -45.93
CA GLU A 489 -16.68 -20.85 -45.88
C GLU A 489 -16.71 -21.55 -44.53
N ALA A 490 -15.55 -21.97 -44.04
CA ALA A 490 -15.49 -22.58 -42.71
C ALA A 490 -16.05 -21.62 -41.66
N LEU A 491 -15.73 -20.34 -41.77
CA LEU A 491 -16.22 -19.36 -40.82
C LEU A 491 -17.75 -19.28 -40.84
N PHE A 492 -18.32 -19.12 -42.04
CA PHE A 492 -19.77 -18.94 -42.16
C PHE A 492 -20.52 -20.11 -41.54
N GLU A 493 -20.04 -21.33 -41.75
CA GLU A 493 -20.68 -22.50 -41.16
C GLU A 493 -20.67 -22.42 -39.63
N CYS A 494 -19.52 -22.08 -39.05
CA CYS A 494 -19.44 -21.90 -37.61
C CYS A 494 -20.37 -20.80 -37.13
N ASN A 495 -20.53 -19.75 -37.92
CA ASN A 495 -21.23 -18.54 -37.46
C ASN A 495 -22.67 -18.81 -37.08
N ARG A 496 -23.32 -19.77 -37.74
CA ARG A 496 -24.74 -20.05 -37.50
C ARG A 496 -24.96 -21.23 -36.55
N LYS A 497 -23.94 -22.05 -36.31
CA LYS A 497 -24.03 -23.09 -35.30
C LYS A 497 -23.83 -22.56 -33.89
N GLY A 498 -23.68 -21.25 -33.72
CA GLY A 498 -23.51 -20.65 -32.42
C GLY A 498 -22.38 -19.64 -32.34
N SER A 499 -21.36 -19.82 -33.18
CA SER A 499 -20.15 -19.00 -33.09
C SER A 499 -20.48 -17.53 -33.29
N ILE A 500 -20.01 -16.70 -32.37
CA ILE A 500 -20.05 -15.26 -32.53
C ILE A 500 -18.84 -14.82 -33.35
N ILE A 501 -19.04 -13.86 -34.24
CA ILE A 501 -17.99 -13.40 -35.14
C ILE A 501 -17.60 -11.99 -34.74
N VAL A 502 -16.35 -11.81 -34.32
CA VAL A 502 -15.82 -10.49 -34.05
C VAL A 502 -15.09 -10.03 -35.31
N VAL A 503 -15.72 -9.11 -36.05
CA VAL A 503 -15.19 -8.64 -37.32
C VAL A 503 -14.29 -7.44 -37.05
N HIS A 504 -13.08 -7.48 -37.60
CA HIS A 504 -12.05 -6.48 -37.35
C HIS A 504 -11.84 -5.65 -38.62
N ALA A 505 -11.88 -4.32 -38.47
CA ALA A 505 -11.70 -3.40 -39.61
C ALA A 505 -10.21 -3.33 -39.97
N HIS A 506 -9.90 -3.33 -41.26
CA HIS A 506 -8.49 -3.27 -41.74
C HIS A 506 -8.41 -2.39 -43.00
N GLY A 507 -7.45 -1.46 -43.03
CA GLY A 507 -7.27 -0.56 -44.18
C GLY A 507 -7.23 -1.35 -45.49
N ASP A 508 -6.93 -2.65 -45.40
CA ASP A 508 -6.86 -3.54 -46.59
C ASP A 508 -8.06 -4.47 -46.68
N ASN A 509 -9.06 -4.32 -45.83
CA ASN A 509 -10.19 -5.23 -45.83
C ASN A 509 -11.53 -4.52 -46.05
N ILE A 510 -11.52 -3.24 -46.40
CA ILE A 510 -12.76 -2.48 -46.52
C ILE A 510 -13.74 -3.14 -47.50
N GLU A 511 -13.22 -3.78 -48.55
CA GLU A 511 -14.07 -4.47 -49.51
C GLU A 511 -14.93 -5.51 -48.82
N LYS A 512 -14.30 -6.54 -48.24
CA LYS A 512 -15.03 -7.65 -47.68
C LYS A 512 -15.85 -7.27 -46.47
N ILE A 513 -15.51 -6.17 -45.80
CA ILE A 513 -16.36 -5.66 -44.72
C ILE A 513 -17.77 -5.38 -45.25
N LYS A 514 -17.88 -4.51 -46.25
CA LYS A 514 -19.20 -4.22 -46.82
C LYS A 514 -19.83 -5.43 -47.50
N LYS A 515 -19.02 -6.40 -47.91
CA LYS A 515 -19.52 -7.53 -48.71
C LYS A 515 -20.11 -8.62 -47.83
N TYR A 516 -19.28 -9.23 -46.97
CA TYR A 516 -19.67 -10.44 -46.25
C TYR A 516 -20.33 -10.17 -44.90
N VAL A 517 -20.12 -9.00 -44.31
CA VAL A 517 -20.69 -8.68 -43.00
C VAL A 517 -22.22 -8.83 -42.99
N PRO A 518 -22.98 -8.13 -43.86
CA PRO A 518 -24.44 -8.18 -43.74
C PRO A 518 -25.03 -9.59 -43.84
N LYS A 519 -24.29 -10.56 -44.38
CA LYS A 519 -24.76 -11.93 -44.52
C LYS A 519 -24.30 -12.81 -43.36
N LEU A 520 -23.83 -12.22 -42.27
CA LEU A 520 -23.39 -12.96 -41.11
C LEU A 520 -24.34 -12.71 -39.95
N LYS A 521 -24.35 -13.65 -39.02
CA LYS A 521 -25.13 -13.55 -37.79
C LYS A 521 -24.17 -13.44 -36.61
N ASN A 522 -24.66 -12.84 -35.54
CA ASN A 522 -23.92 -12.79 -34.27
C ASN A 522 -22.55 -12.13 -34.46
N VAL A 523 -22.59 -10.86 -34.83
CA VAL A 523 -21.39 -10.11 -35.19
C VAL A 523 -21.10 -9.06 -34.13
N VAL A 524 -19.81 -8.88 -33.85
CA VAL A 524 -19.33 -7.78 -33.00
C VAL A 524 -18.20 -7.08 -33.75
N GLY A 525 -18.17 -5.75 -33.64
CA GLY A 525 -17.21 -4.98 -34.40
C GLY A 525 -15.88 -4.80 -33.69
N SER A 526 -14.83 -4.79 -34.50
CA SER A 526 -13.46 -4.54 -34.06
C SER A 526 -12.79 -3.58 -35.02
N CYS A 527 -11.94 -2.72 -34.47
CA CYS A 527 -11.14 -1.80 -35.27
C CYS A 527 -9.81 -1.62 -34.57
N GLN A 528 -8.79 -1.22 -35.32
CA GLN A 528 -7.50 -0.99 -34.71
C GLN A 528 -7.29 0.44 -34.32
N ILE A 529 -7.96 1.33 -35.05
CA ILE A 529 -7.98 2.76 -34.80
C ILE A 529 -8.16 3.12 -33.32
N PRO A 530 -7.36 4.01 -32.76
CA PRO A 530 -7.50 4.34 -31.33
C PRO A 530 -8.38 5.53 -31.05
N ASN A 531 -8.78 6.29 -32.06
CA ASN A 531 -9.68 7.41 -31.82
C ASN A 531 -11.03 6.94 -31.31
N TYR A 532 -11.54 5.84 -31.88
CA TYR A 532 -12.96 5.53 -31.99
C TYR A 532 -13.88 6.05 -30.91
N LYS A 533 -13.47 5.93 -29.64
CA LYS A 533 -14.28 6.48 -28.58
C LYS A 533 -14.51 7.97 -28.74
N GLU A 534 -13.46 8.72 -29.12
CA GLU A 534 -13.64 10.14 -29.40
C GLU A 534 -14.44 10.35 -30.67
N LEU A 535 -14.37 9.34 -31.55
CA LEU A 535 -15.15 9.36 -32.81
C LEU A 535 -16.59 8.98 -32.46
N ASN A 536 -16.81 8.49 -31.25
CA ASN A 536 -18.16 8.09 -30.74
C ASN A 536 -18.76 7.01 -31.66
N LEU A 537 -18.05 5.91 -31.84
CA LEU A 537 -18.52 4.76 -32.66
C LEU A 537 -19.14 3.82 -31.63
N ARG A 538 -20.40 3.43 -31.81
CA ARG A 538 -21.04 2.59 -30.76
C ARG A 538 -21.24 1.15 -31.21
N ASN A 539 -20.88 0.80 -32.44
CA ASN A 539 -21.08 -0.59 -32.96
C ASN A 539 -19.76 -1.33 -33.13
N VAL A 540 -18.65 -0.66 -32.94
CA VAL A 540 -17.31 -1.22 -33.03
C VAL A 540 -16.64 -1.03 -31.68
N ILE A 541 -15.54 -1.75 -31.48
CA ILE A 541 -14.69 -1.59 -30.29
C ILE A 541 -13.27 -1.99 -30.65
N ASN A 542 -12.29 -1.29 -30.10
CA ASN A 542 -10.88 -1.64 -30.25
C ASN A 542 -10.37 -2.19 -28.91
N PHE A 543 -10.41 -3.52 -28.78
CA PHE A 543 -9.91 -4.16 -27.57
C PHE A 543 -8.38 -4.21 -27.53
N GLY A 544 -7.72 -3.85 -28.62
CA GLY A 544 -6.27 -3.92 -28.69
C GLY A 544 -5.80 -5.17 -29.40
N GLY A 545 -4.63 -5.09 -30.02
CA GLY A 545 -4.07 -6.24 -30.70
C GLY A 545 -3.87 -6.05 -32.19
N PHE A 546 -2.85 -6.72 -32.74
CA PHE A 546 -2.53 -6.61 -34.17
C PHE A 546 -3.06 -7.80 -34.97
N THR A 547 -2.59 -9.01 -34.65
CA THR A 547 -3.01 -10.19 -35.39
C THR A 547 -4.23 -10.81 -34.73
N ASP A 548 -4.99 -11.58 -35.52
CA ASP A 548 -6.14 -12.30 -34.99
C ASP A 548 -5.77 -13.08 -33.73
N GLY A 549 -4.63 -13.76 -33.76
CA GLY A 549 -4.16 -14.53 -32.63
C GLY A 549 -4.07 -13.75 -31.32
N ASP A 550 -3.32 -12.65 -31.32
CA ASP A 550 -3.18 -11.86 -30.11
C ASP A 550 -4.44 -11.07 -29.79
N ARG A 551 -5.18 -10.63 -30.83
CA ARG A 551 -6.43 -9.91 -30.57
C ARG A 551 -7.40 -10.77 -29.78
N CYS A 552 -7.44 -12.07 -30.05
CA CYS A 552 -8.23 -12.98 -29.24
C CYS A 552 -7.87 -12.85 -27.77
N CYS A 553 -6.58 -12.67 -27.47
CA CYS A 553 -6.15 -12.53 -26.09
C CYS A 553 -6.65 -11.21 -25.49
N PHE A 554 -6.48 -10.10 -26.21
CA PHE A 554 -7.02 -8.83 -25.75
C PHE A 554 -8.53 -8.92 -25.56
N LEU A 555 -9.21 -9.66 -26.43
CA LEU A 555 -10.67 -9.79 -26.33
C LEU A 555 -11.06 -10.45 -25.02
N ALA A 556 -10.58 -11.68 -24.79
CA ALA A 556 -10.86 -12.37 -23.54
C ALA A 556 -10.46 -11.53 -22.34
N TYR A 557 -9.30 -10.87 -22.42
CA TYR A 557 -8.86 -10.01 -21.33
C TYR A 557 -9.81 -8.83 -21.14
N HIS A 558 -10.19 -8.16 -22.23
CA HIS A 558 -11.04 -6.99 -22.16
C HIS A 558 -12.34 -7.29 -21.42
N PHE A 559 -12.83 -8.52 -21.51
CA PHE A 559 -14.09 -8.91 -20.91
C PHE A 559 -13.93 -9.77 -19.66
N LYS A 560 -12.86 -9.53 -18.89
CA LYS A 560 -12.70 -10.10 -17.55
C LYS A 560 -12.55 -11.62 -17.56
N ALA A 561 -11.67 -12.12 -18.43
CA ALA A 561 -11.34 -13.54 -18.43
C ALA A 561 -10.32 -13.83 -17.34
N LYS A 562 -10.52 -14.94 -16.63
CA LYS A 562 -9.61 -15.30 -15.55
C LYS A 562 -8.22 -15.60 -16.08
N LYS A 563 -8.10 -16.59 -16.96
CA LYS A 563 -6.81 -17.06 -17.44
C LYS A 563 -6.92 -17.46 -18.90
N LEU A 564 -5.86 -17.18 -19.66
CA LEU A 564 -5.79 -17.56 -21.06
C LEU A 564 -5.11 -18.91 -21.21
N ILE A 565 -5.51 -19.64 -22.24
CA ILE A 565 -5.00 -20.98 -22.51
C ILE A 565 -4.87 -21.11 -24.02
N LEU A 566 -3.64 -21.04 -24.53
CA LEU A 566 -3.38 -20.82 -25.94
C LEU A 566 -2.99 -22.12 -26.64
N GLY A 567 -3.54 -22.32 -27.84
CA GLY A 567 -3.29 -23.53 -28.61
C GLY A 567 -2.93 -23.29 -30.06
N GLY A 568 -2.19 -22.22 -30.33
CA GLY A 568 -1.78 -21.92 -31.69
C GLY A 568 -0.41 -21.27 -31.79
N ASP A 591 10.17 -12.74 -47.73
CA ASP A 591 9.03 -12.13 -47.06
C ASP A 591 9.28 -12.02 -45.56
N GLU A 592 9.59 -10.82 -45.10
CA GLU A 592 9.77 -10.56 -43.67
C GLU A 592 8.51 -10.03 -43.00
N ILE A 593 7.60 -9.43 -43.76
CA ILE A 593 6.38 -8.85 -43.21
C ILE A 593 5.46 -9.97 -42.70
N LYS A 594 5.86 -11.22 -42.94
CA LYS A 594 5.20 -12.35 -42.31
C LYS A 594 5.89 -12.78 -41.01
N ILE A 595 7.22 -12.60 -40.93
CA ILE A 595 7.92 -12.88 -39.68
C ILE A 595 7.74 -11.73 -38.70
N LYS A 596 7.62 -10.50 -39.19
CA LYS A 596 7.51 -9.33 -38.31
C LYS A 596 6.14 -9.21 -37.66
N LYS A 597 5.12 -9.87 -38.21
CA LYS A 597 3.83 -9.89 -37.52
C LYS A 597 3.83 -10.88 -36.36
N LEU A 598 4.49 -12.03 -36.53
CA LEU A 598 4.61 -12.99 -35.44
C LEU A 598 5.42 -12.44 -34.27
N GLU A 599 6.26 -11.43 -34.51
CA GLU A 599 7.00 -10.81 -33.41
C GLU A 599 6.13 -9.83 -32.64
N TYR A 600 5.36 -9.00 -33.35
CA TYR A 600 4.38 -8.15 -32.68
C TYR A 600 3.37 -8.96 -31.89
N ALA A 601 3.04 -10.16 -32.38
CA ALA A 601 2.13 -11.04 -31.65
C ALA A 601 2.70 -11.41 -30.29
N LYS A 602 3.85 -12.09 -30.27
CA LYS A 602 4.49 -12.43 -29.00
C LYS A 602 4.78 -11.19 -28.17
N THR A 603 5.16 -10.09 -28.82
CA THR A 603 5.33 -8.83 -28.12
C THR A 603 4.05 -8.43 -27.39
N LEU A 604 2.92 -8.48 -28.10
CA LEU A 604 1.65 -8.08 -27.51
C LEU A 604 1.10 -9.14 -26.57
N ILE A 605 1.45 -10.42 -26.77
CA ILE A 605 0.96 -11.46 -25.87
C ILE A 605 1.68 -11.38 -24.52
N ASN A 606 3.00 -11.15 -24.54
CA ASN A 606 3.74 -10.96 -23.29
C ASN A 606 3.23 -9.74 -22.53
N TYR A 607 2.71 -8.74 -23.24
CA TYR A 607 2.19 -7.54 -22.59
C TYR A 607 1.12 -7.87 -21.57
N LEU A 608 0.28 -8.87 -21.86
CA LEU A 608 -0.79 -9.26 -20.95
C LEU A 608 -0.38 -10.36 -19.98
N LYS A 609 0.83 -10.90 -20.09
CA LYS A 609 1.25 -11.96 -19.18
C LYS A 609 1.38 -11.47 -17.73
N ASP A 610 1.53 -10.17 -17.54
CA ASP A 610 1.53 -9.57 -16.21
C ASP A 610 0.16 -9.08 -15.78
N LYS A 611 -0.88 -9.32 -16.59
CA LYS A 611 -2.23 -8.90 -16.29
C LYS A 611 -3.24 -10.04 -16.23
N ILE A 612 -2.85 -11.24 -16.68
CA ILE A 612 -3.75 -12.39 -16.71
C ILE A 612 -2.90 -13.63 -16.86
N GLU A 613 -3.34 -14.73 -16.23
CA GLU A 613 -2.66 -16.01 -16.41
C GLU A 613 -2.66 -16.39 -17.89
N ILE A 614 -1.46 -16.67 -18.41
CA ILE A 614 -1.30 -17.05 -19.82
C ILE A 614 -0.50 -18.36 -19.81
N GLU A 615 -1.21 -19.48 -19.86
CA GLU A 615 -0.60 -20.80 -19.89
C GLU A 615 -0.64 -21.32 -21.31
N PHE A 616 0.53 -21.59 -21.88
CA PHE A 616 0.61 -22.16 -23.22
C PHE A 616 0.44 -23.68 -23.17
N LEU A 617 0.14 -24.25 -24.33
CA LEU A 617 -0.06 -25.69 -24.44
C LEU A 617 1.13 -26.35 -25.12
N GLU B 11 34.89 -17.61 9.11
CA GLU B 11 34.75 -19.03 8.77
C GLU B 11 34.71 -19.23 7.27
N GLY B 12 34.42 -20.47 6.87
CA GLY B 12 34.23 -20.79 5.46
C GLY B 12 32.97 -21.59 5.25
N LYS B 13 32.08 -21.55 6.25
CA LYS B 13 30.83 -22.29 6.23
C LYS B 13 29.66 -21.32 6.38
N LEU B 14 28.47 -21.80 6.05
CA LEU B 14 27.25 -21.02 6.13
C LEU B 14 26.32 -21.62 7.16
N VAL B 15 25.89 -20.79 8.12
CA VAL B 15 24.91 -21.15 9.14
C VAL B 15 23.60 -20.49 8.79
N ILE B 16 22.51 -21.27 8.77
CA ILE B 16 21.20 -20.80 8.35
C ILE B 16 20.19 -21.06 9.45
N TRP B 17 19.34 -20.08 9.72
CA TRP B 17 18.26 -20.20 10.69
C TRP B 17 16.92 -20.09 9.96
N ILE B 18 16.03 -21.04 10.24
CA ILE B 18 14.67 -21.03 9.71
C ILE B 18 13.76 -21.68 10.74
N ASN B 19 12.52 -21.20 10.80
CA ASN B 19 11.61 -21.66 11.84
C ASN B 19 11.36 -23.17 11.74
N GLY B 20 10.95 -23.76 12.86
CA GLY B 20 10.75 -25.20 12.94
C GLY B 20 9.57 -25.72 12.16
N ASP B 21 8.65 -24.85 11.74
CA ASP B 21 7.50 -25.27 10.95
C ASP B 21 7.77 -25.25 9.45
N LYS B 22 8.93 -24.77 9.02
CA LYS B 22 9.29 -24.72 7.61
C LYS B 22 10.13 -25.94 7.23
N GLY B 23 10.29 -26.12 5.92
CA GLY B 23 10.98 -27.30 5.41
C GLY B 23 12.49 -27.21 5.47
N TYR B 24 13.05 -27.31 6.69
CA TYR B 24 14.49 -27.18 6.85
C TYR B 24 15.24 -28.37 6.27
N ASN B 25 14.66 -29.57 6.30
CA ASN B 25 15.29 -30.72 5.67
C ASN B 25 15.50 -30.49 4.18
N GLY B 26 14.48 -29.97 3.51
CA GLY B 26 14.63 -29.64 2.10
C GLY B 26 15.65 -28.55 1.84
N LEU B 27 15.76 -27.59 2.78
CA LEU B 27 16.75 -26.52 2.63
C LEU B 27 18.17 -27.07 2.73
N ALA B 28 18.39 -28.07 3.60
CA ALA B 28 19.70 -28.67 3.73
C ALA B 28 20.09 -29.42 2.46
N GLU B 29 19.14 -30.12 1.84
CA GLU B 29 19.41 -30.78 0.58
C GLU B 29 19.94 -29.80 -0.45
N VAL B 30 19.36 -28.60 -0.50
CA VAL B 30 19.90 -27.53 -1.33
C VAL B 30 21.32 -27.20 -0.91
N GLY B 31 21.58 -27.20 0.41
CA GLY B 31 22.93 -26.96 0.88
C GLY B 31 23.89 -28.07 0.49
N LYS B 32 23.42 -29.32 0.55
CA LYS B 32 24.27 -30.43 0.13
C LYS B 32 24.63 -30.33 -1.34
N LYS B 33 23.76 -29.72 -2.16
CA LYS B 33 24.14 -29.42 -3.54
C LYS B 33 25.11 -28.26 -3.60
N PHE B 34 25.01 -27.32 -2.66
CA PHE B 34 25.94 -26.20 -2.61
C PHE B 34 27.34 -26.67 -2.19
N GLU B 35 27.41 -27.52 -1.17
CA GLU B 35 28.69 -28.08 -0.75
C GLU B 35 29.27 -29.00 -1.81
N LYS B 36 28.42 -29.79 -2.47
CA LYS B 36 28.90 -30.70 -3.51
C LYS B 36 29.47 -29.93 -4.70
N ASP B 37 28.99 -28.72 -4.94
CA ASP B 37 29.46 -27.90 -6.05
C ASP B 37 30.56 -26.92 -5.64
N THR B 38 30.49 -26.37 -4.43
CA THR B 38 31.41 -25.33 -3.99
C THR B 38 32.22 -25.72 -2.77
N GLY B 39 31.97 -26.89 -2.18
CA GLY B 39 32.72 -27.33 -1.01
C GLY B 39 32.48 -26.49 0.23
N ILE B 40 31.49 -25.61 0.17
CA ILE B 40 31.13 -24.78 1.31
C ILE B 40 30.08 -25.51 2.11
N LYS B 41 30.36 -25.75 3.39
CA LYS B 41 29.44 -26.48 4.24
C LYS B 41 28.27 -25.58 4.63
N VAL B 42 27.05 -26.11 4.47
CA VAL B 42 25.83 -25.39 4.81
C VAL B 42 25.18 -26.10 5.99
N THR B 43 24.97 -25.38 7.08
CA THR B 43 24.34 -25.91 8.27
C THR B 43 23.00 -25.21 8.48
N VAL B 44 21.92 -25.98 8.39
CA VAL B 44 20.58 -25.46 8.59
C VAL B 44 20.15 -25.78 10.02
N GLU B 45 19.68 -24.76 10.74
CA GLU B 45 19.24 -24.92 12.11
C GLU B 45 17.88 -24.24 12.27
N HIS B 46 17.12 -24.69 13.26
CA HIS B 46 15.78 -24.17 13.53
C HIS B 46 15.62 -23.88 15.02
N PRO B 47 16.35 -22.90 15.55
CA PRO B 47 16.17 -22.54 16.96
C PRO B 47 14.78 -22.00 17.22
N ASP B 48 14.40 -22.01 18.50
CA ASP B 48 13.06 -21.58 18.90
C ASP B 48 13.07 -20.09 19.20
N LYS B 49 11.98 -19.42 18.84
CA LYS B 49 11.89 -17.96 18.93
C LYS B 49 13.09 -17.30 18.26
N LEU B 50 13.53 -17.87 17.13
CA LEU B 50 14.71 -17.36 16.44
C LEU B 50 14.53 -15.91 16.02
N GLU B 51 13.29 -15.52 15.71
CA GLU B 51 13.04 -14.12 15.38
C GLU B 51 13.34 -13.20 16.55
N GLU B 52 13.29 -13.72 17.77
CA GLU B 52 13.70 -12.97 18.95
C GLU B 52 15.15 -13.23 19.35
N LYS B 53 15.68 -14.40 18.99
CA LYS B 53 17.07 -14.71 19.32
C LYS B 53 18.04 -13.99 18.40
N PHE B 54 17.73 -13.94 17.11
CA PHE B 54 18.56 -13.23 16.15
C PHE B 54 18.96 -11.83 16.60
N PRO B 55 18.05 -10.95 17.01
CA PRO B 55 18.49 -9.66 17.54
C PRO B 55 19.46 -9.79 18.70
N GLN B 56 19.35 -10.84 19.50
CA GLN B 56 20.24 -11.01 20.65
C GLN B 56 21.62 -11.49 20.20
N VAL B 57 21.68 -12.62 19.49
CA VAL B 57 22.97 -13.15 19.05
C VAL B 57 23.62 -12.24 18.03
N ALA B 58 22.84 -11.64 17.12
CA ALA B 58 23.43 -10.81 16.09
C ALA B 58 23.95 -9.49 16.65
N ALA B 59 23.20 -8.85 17.55
CA ALA B 59 23.63 -7.56 18.08
C ALA B 59 24.97 -7.67 18.80
N THR B 60 25.26 -8.81 19.40
CA THR B 60 26.52 -8.98 20.12
C THR B 60 27.68 -9.38 19.21
N GLY B 61 27.39 -9.91 18.02
CA GLY B 61 28.42 -10.38 17.11
C GLY B 61 28.32 -11.84 16.74
N ASP B 62 27.37 -12.59 17.30
CA ASP B 62 27.15 -13.98 16.98
C ASP B 62 25.97 -14.10 16.02
N GLY B 63 25.51 -15.32 15.78
CA GLY B 63 24.34 -15.54 14.96
C GLY B 63 24.66 -16.22 13.65
N PRO B 64 23.62 -16.57 12.90
CA PRO B 64 23.81 -17.26 11.62
C PRO B 64 24.26 -16.29 10.54
N ASP B 65 24.62 -16.87 9.40
CA ASP B 65 24.92 -16.06 8.22
C ASP B 65 23.64 -15.63 7.51
N ILE B 66 22.64 -16.51 7.47
CA ILE B 66 21.37 -16.25 6.81
C ILE B 66 20.25 -16.59 7.79
N ILE B 67 19.30 -15.68 7.93
CA ILE B 67 18.11 -15.90 8.76
C ILE B 67 16.88 -15.87 7.87
N PHE B 68 15.96 -16.80 8.14
CA PHE B 68 14.69 -16.87 7.44
C PHE B 68 13.56 -16.51 8.41
N TRP B 69 12.66 -15.66 7.95
CA TRP B 69 11.46 -15.28 8.70
C TRP B 69 10.61 -14.41 7.80
N ALA B 70 9.33 -14.29 8.14
CA ALA B 70 8.45 -13.38 7.43
C ALA B 70 9.03 -11.97 7.45
N HIS B 71 8.74 -11.21 6.39
CA HIS B 71 9.35 -9.90 6.20
C HIS B 71 9.00 -8.91 7.30
N ASP B 72 7.89 -9.12 8.02
CA ASP B 72 7.42 -8.13 8.97
C ASP B 72 8.41 -7.86 10.10
N ARG B 73 9.35 -8.77 10.33
CA ARG B 73 10.36 -8.57 11.37
C ARG B 73 11.63 -7.91 10.84
N PHE B 74 11.84 -7.90 9.53
CA PHE B 74 13.14 -7.50 8.99
C PHE B 74 13.37 -5.99 9.07
N GLY B 75 12.31 -5.19 9.07
CA GLY B 75 12.50 -3.75 9.20
C GLY B 75 13.09 -3.36 10.54
N GLY B 76 12.68 -4.03 11.61
CA GLY B 76 13.31 -3.82 12.89
C GLY B 76 14.76 -4.27 12.91
N TYR B 77 15.07 -5.32 12.16
CA TYR B 77 16.46 -5.76 12.06
C TYR B 77 17.31 -4.73 11.33
N ALA B 78 16.75 -4.12 10.27
CA ALA B 78 17.49 -3.14 9.48
C ALA B 78 17.78 -1.89 10.29
N GLN B 79 16.74 -1.34 10.95
CA GLN B 79 16.94 -0.20 11.83
C GLN B 79 17.99 -0.48 12.90
N SER B 80 18.23 -1.74 13.22
CA SER B 80 19.28 -2.13 14.14
C SER B 80 20.63 -2.32 13.46
N GLY B 81 20.70 -2.20 12.13
CA GLY B 81 21.94 -2.45 11.43
C GLY B 81 22.39 -3.88 11.44
N LEU B 82 21.49 -4.82 11.69
CA LEU B 82 21.83 -6.24 11.77
C LEU B 82 21.83 -6.94 10.43
N LEU B 83 21.36 -6.28 9.37
CA LEU B 83 21.21 -6.89 8.06
C LEU B 83 22.03 -6.15 7.03
N ALA B 84 22.89 -6.87 6.32
CA ALA B 84 23.61 -6.30 5.21
C ALA B 84 22.66 -6.00 4.05
N GLU B 85 22.96 -4.94 3.31
CA GLU B 85 22.15 -4.61 2.15
C GLU B 85 22.45 -5.57 1.02
N ILE B 86 21.41 -6.09 0.40
CA ILE B 86 21.58 -6.97 -0.75
C ILE B 86 21.53 -6.13 -2.01
N THR B 87 22.41 -6.45 -2.97
CA THR B 87 22.50 -5.74 -4.24
C THR B 87 22.42 -6.74 -5.38
N PRO B 88 21.24 -7.35 -5.57
CA PRO B 88 21.09 -8.26 -6.70
C PRO B 88 21.09 -7.51 -8.01
N ALA B 89 21.63 -8.16 -9.04
CA ALA B 89 21.62 -7.59 -10.37
C ALA B 89 20.19 -7.42 -10.86
N ALA B 90 19.97 -6.37 -11.67
CA ALA B 90 18.64 -6.14 -12.23
C ALA B 90 18.12 -7.37 -12.97
N ALA B 91 19.02 -8.16 -13.56
CA ALA B 91 18.60 -9.39 -14.22
C ALA B 91 18.09 -10.42 -13.22
N PHE B 92 18.56 -10.36 -11.96
CA PHE B 92 18.06 -11.27 -10.94
C PHE B 92 16.78 -10.76 -10.30
N GLN B 93 16.71 -9.45 -10.03
CA GLN B 93 15.49 -8.88 -9.47
C GLN B 93 14.30 -9.12 -10.39
N ASP B 94 14.51 -9.05 -11.70
CA ASP B 94 13.45 -9.34 -12.65
C ASP B 94 12.97 -10.79 -12.58
N LYS B 95 13.73 -11.67 -11.94
CA LYS B 95 13.29 -13.07 -11.81
C LYS B 95 12.16 -13.22 -10.80
N LEU B 96 12.11 -12.34 -9.79
CA LEU B 96 11.10 -12.39 -8.76
C LEU B 96 10.06 -11.30 -8.98
N TYR B 97 8.87 -11.53 -8.44
CA TYR B 97 7.79 -10.56 -8.59
C TYR B 97 8.15 -9.27 -7.86
N PRO B 98 7.97 -8.11 -8.49
CA PRO B 98 8.32 -6.85 -7.81
C PRO B 98 7.65 -6.63 -6.47
N PHE B 99 6.42 -7.13 -6.27
CA PHE B 99 5.76 -6.92 -4.98
C PHE B 99 6.45 -7.66 -3.85
N THR B 100 7.05 -8.82 -4.14
CA THR B 100 7.83 -9.50 -3.11
C THR B 100 9.10 -8.71 -2.77
N TRP B 101 9.67 -8.01 -3.76
CA TRP B 101 10.79 -7.12 -3.47
C TRP B 101 10.35 -5.96 -2.59
N ASP B 102 9.16 -5.41 -2.84
CA ASP B 102 8.65 -4.33 -2.01
C ASP B 102 8.61 -4.70 -0.54
N ALA B 103 8.26 -5.96 -0.24
CA ALA B 103 8.12 -6.40 1.14
C ALA B 103 9.44 -6.36 1.91
N VAL B 104 10.57 -6.45 1.22
CA VAL B 104 11.88 -6.49 1.86
C VAL B 104 12.68 -5.22 1.60
N ARG B 105 12.02 -4.14 1.21
CA ARG B 105 12.67 -2.85 1.03
C ARG B 105 12.35 -1.99 2.24
N TYR B 106 13.38 -1.47 2.90
CA TYR B 106 13.22 -0.63 4.08
C TYR B 106 14.04 0.64 3.86
N ASN B 107 13.35 1.77 3.77
CA ASN B 107 13.99 3.08 3.55
C ASN B 107 14.90 3.06 2.32
N GLY B 108 14.37 2.50 1.23
CA GLY B 108 15.05 2.51 -0.05
C GLY B 108 16.01 1.37 -0.30
N LYS B 109 16.37 0.59 0.72
CA LYS B 109 17.38 -0.45 0.58
C LYS B 109 16.74 -1.83 0.71
N LEU B 110 17.08 -2.72 -0.21
CA LEU B 110 16.68 -4.11 -0.09
C LEU B 110 17.52 -4.79 0.98
N ILE B 111 16.86 -5.45 1.93
CA ILE B 111 17.50 -5.99 3.12
C ILE B 111 17.30 -7.49 3.28
N ALA B 112 16.77 -8.17 2.25
CA ALA B 112 16.57 -9.61 2.27
C ALA B 112 16.10 -10.06 0.89
N TYR B 113 16.18 -11.37 0.67
CA TYR B 113 15.67 -11.97 -0.55
C TYR B 113 14.27 -12.51 -0.28
N PRO B 114 13.27 -12.10 -1.04
CA PRO B 114 11.94 -12.71 -0.85
C PRO B 114 11.93 -14.13 -1.37
N ILE B 115 11.22 -15.00 -0.64
CA ILE B 115 11.16 -16.42 -0.95
C ILE B 115 9.75 -16.83 -1.40
N ALA B 116 8.76 -16.64 -0.53
CA ALA B 116 7.42 -17.11 -0.82
C ALA B 116 6.39 -16.29 -0.06
N VAL B 117 5.20 -16.21 -0.61
CA VAL B 117 4.08 -15.50 0.01
C VAL B 117 3.26 -16.49 0.81
N GLU B 118 3.10 -16.22 2.11
CA GLU B 118 2.39 -17.10 3.03
C GLU B 118 1.11 -16.42 3.47
N ALA B 119 -0.01 -17.12 3.34
CA ALA B 119 -1.29 -16.63 3.83
C ALA B 119 -2.03 -17.78 4.51
N LEU B 120 -2.79 -17.44 5.54
CA LEU B 120 -3.61 -18.43 6.22
C LEU B 120 -4.84 -18.76 5.38
N SER B 121 -5.22 -20.03 5.40
CA SER B 121 -6.42 -20.49 4.71
C SER B 121 -7.20 -21.41 5.64
N LEU B 122 -8.46 -21.64 5.30
CA LEU B 122 -9.28 -22.58 6.05
C LEU B 122 -9.01 -23.98 5.54
N ILE B 123 -8.56 -24.87 6.42
CA ILE B 123 -8.30 -26.26 6.10
C ILE B 123 -9.39 -27.09 6.76
N TYR B 124 -10.14 -27.84 5.95
CA TYR B 124 -11.29 -28.58 6.43
C TYR B 124 -11.20 -30.03 5.99
N ASN B 125 -11.85 -30.91 6.77
CA ASN B 125 -11.88 -32.33 6.49
C ASN B 125 -13.10 -32.62 5.60
N LYS B 126 -12.83 -33.06 4.37
CA LYS B 126 -13.93 -33.30 3.42
C LYS B 126 -14.84 -34.43 3.90
N ASP B 127 -14.27 -35.46 4.53
CA ASP B 127 -15.09 -36.56 5.04
C ASP B 127 -16.07 -36.07 6.09
N LEU B 128 -15.57 -35.37 7.11
CA LEU B 128 -16.44 -34.84 8.16
C LEU B 128 -17.32 -33.72 7.65
N LEU B 129 -16.89 -33.01 6.62
CA LEU B 129 -17.57 -31.79 6.23
C LEU B 129 -17.35 -31.50 4.75
N PRO B 130 -18.08 -32.17 3.85
CA PRO B 130 -17.87 -31.94 2.41
C PRO B 130 -18.18 -30.52 1.97
N ASN B 131 -18.98 -29.77 2.73
CA ASN B 131 -19.31 -28.37 2.44
C ASN B 131 -18.85 -27.52 3.61
N PRO B 132 -17.65 -26.95 3.53
CA PRO B 132 -17.17 -26.11 4.62
C PRO B 132 -18.03 -24.86 4.74
N PRO B 133 -18.21 -24.35 5.95
CA PRO B 133 -19.05 -23.17 6.13
C PRO B 133 -18.38 -21.91 5.60
N LYS B 134 -19.18 -21.06 4.98
CA LYS B 134 -18.69 -19.77 4.51
C LYS B 134 -18.66 -18.71 5.60
N THR B 135 -19.03 -19.06 6.83
CA THR B 135 -19.38 -18.08 7.84
C THR B 135 -18.81 -18.50 9.19
N TRP B 136 -18.21 -17.55 9.91
CA TRP B 136 -17.81 -17.80 11.29
C TRP B 136 -19.02 -18.04 12.18
N GLU B 137 -20.06 -17.22 12.00
CA GLU B 137 -21.24 -17.30 12.85
C GLU B 137 -21.89 -18.68 12.86
N GLU B 138 -21.76 -19.43 11.77
CA GLU B 138 -22.38 -20.75 11.67
C GLU B 138 -21.47 -21.88 12.15
N ILE B 139 -20.31 -21.55 12.71
CA ILE B 139 -19.39 -22.53 13.28
C ILE B 139 -19.90 -23.10 14.60
N PRO B 140 -20.38 -22.29 15.56
CA PRO B 140 -20.89 -22.87 16.82
C PRO B 140 -21.94 -23.96 16.63
N ALA B 141 -22.72 -23.88 15.55
CA ALA B 141 -23.72 -24.93 15.30
C ALA B 141 -23.07 -26.23 14.87
N LEU B 142 -22.08 -26.14 13.97
CA LEU B 142 -21.37 -27.35 13.53
C LEU B 142 -20.75 -28.08 14.70
N ASP B 143 -20.07 -27.34 15.59
CA ASP B 143 -19.40 -27.94 16.73
C ASP B 143 -20.37 -28.75 17.57
N LYS B 144 -21.42 -28.10 18.09
CA LYS B 144 -22.40 -28.79 18.93
C LYS B 144 -22.91 -30.06 18.26
N GLU B 145 -23.08 -30.04 16.94
CA GLU B 145 -23.44 -31.25 16.21
C GLU B 145 -22.26 -32.22 16.12
N LEU B 146 -21.03 -31.70 16.12
CA LEU B 146 -19.85 -32.56 16.08
C LEU B 146 -19.44 -33.07 17.45
N LYS B 147 -19.77 -32.34 18.52
CA LYS B 147 -19.39 -32.79 19.85
C LYS B 147 -20.11 -34.08 20.24
N ALA B 148 -21.30 -34.32 19.68
CA ALA B 148 -22.02 -35.56 19.95
C ALA B 148 -21.23 -36.78 19.46
N LYS B 149 -20.43 -36.60 18.42
CA LYS B 149 -19.62 -37.66 17.85
C LYS B 149 -18.19 -37.63 18.35
N GLY B 150 -17.93 -36.91 19.45
CA GLY B 150 -16.59 -36.76 19.95
C GLY B 150 -15.67 -35.95 19.05
N LYS B 151 -16.23 -35.02 18.29
CA LYS B 151 -15.46 -34.22 17.34
C LYS B 151 -15.71 -32.74 17.58
N SER B 152 -14.77 -31.92 17.12
CA SER B 152 -14.90 -30.48 17.17
C SER B 152 -15.06 -29.92 15.76
N ALA B 153 -15.59 -28.70 15.69
CA ALA B 153 -15.72 -28.04 14.40
C ALA B 153 -14.40 -27.41 13.95
N LEU B 154 -13.70 -26.73 14.86
CA LEU B 154 -12.57 -25.92 14.46
C LEU B 154 -11.58 -25.82 15.61
N MET B 155 -10.30 -26.05 15.31
CA MET B 155 -9.22 -25.82 16.27
C MET B 155 -8.05 -25.19 15.53
N PHE B 156 -7.47 -24.14 16.11
CA PHE B 156 -6.31 -23.48 15.53
C PHE B 156 -5.51 -22.83 16.64
N ASN B 157 -4.27 -22.49 16.34
CA ASN B 157 -3.37 -21.94 17.35
C ASN B 157 -3.91 -20.63 17.91
N LEU B 158 -4.33 -20.67 19.17
CA LEU B 158 -4.85 -19.50 19.87
C LEU B 158 -3.80 -18.78 20.69
N GLN B 159 -2.55 -19.25 20.66
CA GLN B 159 -1.48 -18.61 21.41
C GLN B 159 -0.72 -17.57 20.60
N GLU B 160 -0.82 -17.62 19.27
CA GLU B 160 -0.17 -16.64 18.41
C GLU B 160 -1.22 -15.78 17.73
N PRO B 161 -1.16 -14.46 17.88
CA PRO B 161 -2.20 -13.61 17.29
C PRO B 161 -2.28 -13.69 15.78
N TYR B 162 -1.22 -14.19 15.12
CA TYR B 162 -1.24 -14.40 13.67
C TYR B 162 -2.49 -15.14 13.23
N PHE B 163 -2.89 -16.16 13.98
CA PHE B 163 -3.99 -17.03 13.56
C PHE B 163 -5.36 -16.43 13.84
N THR B 164 -5.48 -15.57 14.86
CA THR B 164 -6.75 -14.94 15.18
C THR B 164 -6.92 -13.58 14.52
N TRP B 165 -5.83 -12.96 14.07
CA TRP B 165 -5.92 -11.67 13.40
C TRP B 165 -6.90 -11.63 12.22
N PRO B 166 -6.97 -12.65 11.33
CA PRO B 166 -7.94 -12.56 10.23
C PRO B 166 -9.37 -12.28 10.69
N LEU B 167 -9.75 -12.81 11.84
CA LEU B 167 -11.08 -12.56 12.39
C LEU B 167 -11.17 -11.16 13.00
N ILE B 168 -10.13 -10.71 13.68
CA ILE B 168 -10.15 -9.40 14.33
C ILE B 168 -10.26 -8.28 13.31
N ALA B 169 -9.65 -8.46 12.14
CA ALA B 169 -9.61 -7.41 11.13
C ALA B 169 -10.75 -7.48 10.14
N ALA B 170 -11.54 -8.55 10.13
CA ALA B 170 -12.57 -8.73 9.11
C ALA B 170 -13.56 -7.58 9.12
N ASP B 171 -13.95 -7.10 10.29
CA ASP B 171 -15.02 -6.12 10.43
C ASP B 171 -14.48 -4.72 10.76
N GLY B 172 -13.24 -4.42 10.39
CA GLY B 172 -12.68 -3.09 10.55
C GLY B 172 -11.41 -3.01 11.35
N GLY B 173 -10.95 -4.09 11.97
CA GLY B 173 -9.69 -4.05 12.69
C GLY B 173 -8.51 -3.84 11.76
N TYR B 174 -7.51 -3.14 12.27
CA TYR B 174 -6.28 -2.91 11.51
C TYR B 174 -5.15 -2.62 12.48
N ALA B 175 -3.92 -2.81 12.00
CA ALA B 175 -2.75 -2.56 12.85
C ALA B 175 -2.36 -1.08 12.83
N PHE B 176 -1.95 -0.58 11.68
CA PHE B 176 -1.54 0.81 11.54
C PHE B 176 -2.10 1.34 10.24
N LYS B 177 -2.81 2.46 10.32
CA LYS B 177 -3.41 3.05 9.13
C LYS B 177 -2.33 3.41 8.12
N TYR B 178 -2.59 3.07 6.86
CA TYR B 178 -1.71 3.43 5.75
C TYR B 178 -2.23 4.72 5.16
N ALA B 179 -1.52 5.82 5.40
CA ALA B 179 -1.97 7.15 5.03
C ALA B 179 -0.82 7.88 4.34
N ALA B 180 -1.07 8.33 3.10
CA ALA B 180 -0.11 9.12 2.34
C ALA B 180 1.23 8.39 2.16
N GLY B 181 1.12 7.13 1.73
CA GLY B 181 2.27 6.25 1.44
C GLY B 181 3.11 5.89 2.66
N LYS B 182 2.55 6.01 3.85
CA LYS B 182 3.31 5.72 5.07
C LYS B 182 2.39 5.13 6.15
N TYR B 183 2.90 4.21 6.96
CA TYR B 183 2.10 3.64 8.06
C TYR B 183 2.12 4.63 9.21
N ASP B 184 0.95 5.13 9.61
CA ASP B 184 0.83 6.06 10.73
C ASP B 184 0.82 5.26 12.02
N ILE B 185 1.95 5.23 12.71
CA ILE B 185 2.09 4.50 13.97
C ILE B 185 1.31 5.20 15.07
N LYS B 186 0.68 6.33 14.74
CA LYS B 186 -0.20 7.00 15.70
C LYS B 186 -1.66 6.60 15.52
N ASP B 187 -2.01 5.99 14.38
CA ASP B 187 -3.38 5.59 14.07
C ASP B 187 -3.43 4.07 14.10
N VAL B 188 -3.81 3.51 15.24
CA VAL B 188 -3.86 2.07 15.47
C VAL B 188 -5.33 1.67 15.61
N GLY B 189 -5.71 0.58 14.95
CA GLY B 189 -7.10 0.16 14.95
C GLY B 189 -7.36 -1.20 15.56
N VAL B 190 -6.69 -1.51 16.67
CA VAL B 190 -6.92 -2.78 17.35
C VAL B 190 -8.03 -2.72 18.39
N ASP B 191 -8.57 -1.53 18.68
CA ASP B 191 -9.59 -1.38 19.70
C ASP B 191 -10.85 -0.69 19.17
N ASN B 192 -11.06 -0.73 17.85
CA ASN B 192 -12.25 -0.12 17.27
C ASN B 192 -13.42 -1.11 17.32
N ALA B 193 -14.54 -0.72 16.73
CA ALA B 193 -15.74 -1.56 16.77
C ALA B 193 -15.48 -2.93 16.14
N GLY B 194 -14.85 -2.94 14.96
CA GLY B 194 -14.60 -4.20 14.29
C GLY B 194 -13.72 -5.14 15.10
N ALA B 195 -12.63 -4.59 15.65
CA ALA B 195 -11.73 -5.39 16.46
C ALA B 195 -12.44 -6.00 17.66
N LYS B 196 -13.23 -5.19 18.37
CA LYS B 196 -14.02 -5.70 19.48
C LYS B 196 -14.97 -6.80 19.02
N ALA B 197 -15.68 -6.56 17.91
CA ALA B 197 -16.63 -7.55 17.40
C ALA B 197 -15.95 -8.88 17.09
N GLY B 198 -14.87 -8.83 16.30
CA GLY B 198 -14.18 -10.06 15.94
C GLY B 198 -13.68 -10.82 17.16
N LEU B 199 -13.01 -10.13 18.08
CA LEU B 199 -12.47 -10.79 19.27
C LEU B 199 -13.59 -11.24 20.20
N THR B 200 -14.66 -10.45 20.31
CA THR B 200 -15.81 -10.87 21.11
C THR B 200 -16.39 -12.18 20.60
N PHE B 201 -16.47 -12.35 19.29
CA PHE B 201 -16.97 -13.60 18.72
C PHE B 201 -16.07 -14.77 19.09
N LEU B 202 -14.75 -14.55 19.11
CA LEU B 202 -13.84 -15.63 19.46
C LEU B 202 -13.99 -16.00 20.94
N VAL B 203 -14.12 -15.01 21.81
CA VAL B 203 -14.32 -15.29 23.23
C VAL B 203 -15.61 -16.06 23.44
N ASP B 204 -16.64 -15.75 22.66
CA ASP B 204 -17.90 -16.47 22.76
C ASP B 204 -17.72 -17.95 22.47
N LEU B 205 -16.94 -18.28 21.43
CA LEU B 205 -16.65 -19.69 21.13
C LEU B 205 -16.02 -20.38 22.35
N ILE B 206 -15.00 -19.74 22.93
CA ILE B 206 -14.35 -20.32 24.11
C ILE B 206 -15.31 -20.37 25.28
N LYS B 207 -16.04 -19.27 25.51
CA LYS B 207 -17.04 -19.23 26.58
C LYS B 207 -18.04 -20.35 26.44
N ASN B 208 -18.50 -20.62 25.21
CA ASN B 208 -19.46 -21.67 24.94
C ASN B 208 -18.81 -23.03 24.72
N LYS B 209 -17.59 -23.22 25.18
CA LYS B 209 -16.88 -24.52 25.14
C LYS B 209 -16.68 -25.03 23.73
N HIS B 210 -16.87 -24.19 22.71
CA HIS B 210 -16.64 -24.59 21.33
C HIS B 210 -15.16 -24.58 20.96
N MET B 211 -14.33 -23.94 21.76
CA MET B 211 -12.87 -24.00 21.62
C MET B 211 -12.26 -23.93 23.01
N ASN B 212 -11.02 -24.40 23.12
CA ASN B 212 -10.27 -24.36 24.37
C ASN B 212 -9.24 -23.24 24.26
N ALA B 213 -9.27 -22.31 25.22
CA ALA B 213 -8.34 -21.19 25.22
C ALA B 213 -6.88 -21.62 25.30
N ASP B 214 -6.61 -22.89 25.62
CA ASP B 214 -5.25 -23.39 25.72
C ASP B 214 -4.72 -23.97 24.42
N THR B 215 -5.58 -24.20 23.43
CA THR B 215 -5.16 -24.79 22.17
C THR B 215 -4.00 -24.00 21.56
N ASP B 216 -2.94 -24.71 21.22
CA ASP B 216 -1.75 -24.13 20.60
C ASP B 216 -1.56 -24.75 19.22
N TYR B 217 -0.41 -24.47 18.60
CA TYR B 217 -0.14 -24.99 17.26
C TYR B 217 -0.16 -26.51 17.24
N SER B 218 0.62 -27.15 18.12
CA SER B 218 0.72 -28.60 18.12
C SER B 218 -0.64 -29.26 18.34
N ILE B 219 -1.35 -28.82 19.38
CA ILE B 219 -2.65 -29.42 19.70
C ILE B 219 -3.60 -29.32 18.51
N ALA B 220 -3.67 -28.15 17.89
CA ALA B 220 -4.57 -27.96 16.76
C ALA B 220 -4.18 -28.84 15.58
N GLU B 221 -2.88 -28.90 15.27
CA GLU B 221 -2.43 -29.73 14.16
C GLU B 221 -2.70 -31.20 14.43
N ALA B 222 -2.41 -31.68 15.64
CA ALA B 222 -2.69 -33.06 16.00
C ALA B 222 -4.17 -33.38 15.85
N ALA B 223 -5.04 -32.49 16.33
CA ALA B 223 -6.47 -32.76 16.30
C ALA B 223 -7.00 -32.86 14.87
N PHE B 224 -6.48 -32.03 13.96
CA PHE B 224 -6.96 -32.09 12.59
C PHE B 224 -6.37 -33.26 11.82
N ASN B 225 -5.08 -33.53 12.01
CA ASN B 225 -4.46 -34.66 11.31
C ASN B 225 -4.92 -35.99 11.89
N LYS B 226 -5.30 -36.03 13.15
CA LYS B 226 -5.92 -37.22 13.74
C LYS B 226 -7.42 -37.29 13.50
N GLY B 227 -7.96 -36.39 12.67
CA GLY B 227 -9.38 -36.43 12.35
C GLY B 227 -10.30 -36.07 13.49
N GLU B 228 -9.78 -35.47 14.55
CA GLU B 228 -10.61 -35.15 15.71
C GLU B 228 -11.38 -33.85 15.53
N THR B 229 -10.86 -32.92 14.72
CA THR B 229 -11.54 -31.67 14.43
C THR B 229 -11.75 -31.55 12.93
N ALA B 230 -12.90 -30.98 12.55
CA ALA B 230 -13.25 -30.90 11.14
C ALA B 230 -12.56 -29.75 10.41
N MET B 231 -12.02 -28.77 11.15
CA MET B 231 -11.41 -27.61 10.52
C MET B 231 -10.24 -27.12 11.35
N THR B 232 -9.26 -26.55 10.65
CA THR B 232 -8.17 -25.81 11.27
C THR B 232 -7.82 -24.64 10.36
N ILE B 233 -7.07 -23.69 10.91
CA ILE B 233 -6.57 -22.54 10.16
C ILE B 233 -5.04 -22.60 10.21
N ASN B 234 -4.42 -22.65 9.04
CA ASN B 234 -2.97 -22.80 8.96
C ASN B 234 -2.48 -22.40 7.58
N GLY B 235 -1.17 -22.29 7.45
CA GLY B 235 -0.55 -21.89 6.21
C GLY B 235 -0.04 -23.07 5.40
N PRO B 236 0.59 -22.78 4.26
CA PRO B 236 1.01 -23.85 3.35
C PRO B 236 2.01 -24.83 3.94
N TRP B 237 2.80 -24.40 4.92
CA TRP B 237 3.82 -25.27 5.50
C TRP B 237 3.22 -26.52 6.14
N ALA B 238 1.95 -26.48 6.52
CA ALA B 238 1.31 -27.58 7.23
C ALA B 238 0.73 -28.64 6.30
N TRP B 239 0.68 -28.40 4.99
CA TRP B 239 0.02 -29.33 4.08
C TRP B 239 0.70 -30.69 4.04
N SER B 240 2.03 -30.73 4.19
CA SER B 240 2.76 -31.97 4.01
C SER B 240 2.45 -32.97 5.13
N ASN B 241 2.36 -32.50 6.37
CA ASN B 241 1.96 -33.38 7.47
C ASN B 241 0.55 -33.92 7.25
N ILE B 242 -0.36 -33.07 6.76
CA ILE B 242 -1.72 -33.52 6.48
C ILE B 242 -1.71 -34.59 5.41
N ASP B 243 -0.88 -34.41 4.37
CA ASP B 243 -0.75 -35.42 3.31
C ASP B 243 -0.47 -36.80 3.89
N THR B 244 0.53 -36.89 4.77
CA THR B 244 0.94 -38.18 5.33
C THR B 244 -0.07 -38.74 6.32
N SER B 245 -1.04 -37.95 6.78
CA SER B 245 -1.98 -38.39 7.80
C SER B 245 -3.17 -39.16 7.24
N ALA B 246 -3.35 -39.19 5.92
CA ALA B 246 -4.43 -39.85 5.19
C ALA B 246 -5.76 -39.11 5.29
N VAL B 247 -5.82 -37.96 5.97
CA VAL B 247 -7.04 -37.17 6.00
C VAL B 247 -7.29 -36.59 4.61
N ASN B 248 -8.56 -36.61 4.19
CA ASN B 248 -8.97 -36.02 2.92
C ASN B 248 -9.32 -34.57 3.19
N TYR B 249 -8.42 -33.66 2.82
CA TYR B 249 -8.54 -32.26 3.18
C TYR B 249 -8.63 -31.37 1.94
N GLY B 250 -9.14 -30.17 2.16
CA GLY B 250 -9.15 -29.15 1.12
C GLY B 250 -8.81 -27.80 1.73
N VAL B 251 -8.26 -26.94 0.90
CA VAL B 251 -7.84 -25.60 1.30
C VAL B 251 -8.74 -24.61 0.57
N THR B 252 -9.45 -23.76 1.32
CA THR B 252 -10.43 -22.85 0.75
C THR B 252 -10.35 -21.51 1.48
N VAL B 253 -11.27 -20.61 1.12
CA VAL B 253 -11.28 -19.27 1.70
C VAL B 253 -11.73 -19.34 3.16
N LEU B 254 -11.24 -18.40 3.96
CA LEU B 254 -11.62 -18.31 5.36
C LEU B 254 -13.08 -17.88 5.47
N PRO B 255 -13.74 -18.20 6.59
CA PRO B 255 -15.14 -17.82 6.74
C PRO B 255 -15.29 -16.32 6.91
N THR B 256 -16.37 -15.78 6.37
CA THR B 256 -16.67 -14.37 6.56
C THR B 256 -17.17 -14.13 7.98
N PHE B 257 -17.06 -12.89 8.44
CA PHE B 257 -17.56 -12.48 9.74
C PHE B 257 -18.39 -11.22 9.54
N LYS B 258 -19.66 -11.26 9.97
CA LYS B 258 -20.59 -10.16 9.76
C LYS B 258 -20.64 -9.74 8.29
N GLY B 259 -20.59 -10.73 7.40
CA GLY B 259 -20.63 -10.50 5.97
C GLY B 259 -19.34 -10.06 5.34
N GLN B 260 -18.30 -9.78 6.12
CA GLN B 260 -17.05 -9.29 5.56
C GLN B 260 -15.98 -10.36 5.60
N PRO B 261 -15.11 -10.41 4.58
CA PRO B 261 -14.13 -11.50 4.51
C PRO B 261 -13.08 -11.38 5.61
N SER B 262 -12.63 -12.53 6.11
CA SER B 262 -11.50 -12.55 7.01
C SER B 262 -10.27 -12.00 6.29
N LYS B 263 -9.46 -11.24 7.02
CA LYS B 263 -8.33 -10.51 6.44
C LYS B 263 -7.04 -10.93 7.14
N PRO B 264 -6.36 -11.97 6.66
CA PRO B 264 -5.10 -12.38 7.28
C PRO B 264 -3.96 -11.45 6.92
N PHE B 265 -3.08 -11.22 7.88
CA PHE B 265 -1.83 -10.52 7.61
C PHE B 265 -0.94 -11.44 6.79
N VAL B 266 -0.60 -11.01 5.58
CA VAL B 266 0.14 -11.83 4.64
C VAL B 266 1.63 -11.65 4.85
N GLY B 267 2.34 -12.75 5.04
CA GLY B 267 3.77 -12.73 5.24
C GLY B 267 4.53 -13.14 3.99
N VAL B 268 5.74 -12.61 3.85
CA VAL B 268 6.64 -12.97 2.78
C VAL B 268 7.88 -13.56 3.45
N LEU B 269 8.03 -14.88 3.38
CA LEU B 269 9.23 -15.52 3.88
C LEU B 269 10.44 -14.94 3.17
N SER B 270 11.36 -14.39 3.94
CA SER B 270 12.52 -13.70 3.38
C SER B 270 13.79 -14.23 4.03
N ALA B 271 14.89 -14.09 3.30
CA ALA B 271 16.20 -14.56 3.75
C ALA B 271 17.12 -13.36 3.89
N GLY B 272 17.44 -13.00 5.13
CA GLY B 272 18.35 -11.91 5.41
C GLY B 272 19.77 -12.41 5.62
N ILE B 273 20.73 -11.55 5.29
CA ILE B 273 22.14 -11.86 5.47
C ILE B 273 22.65 -11.09 6.68
N ASN B 274 23.22 -11.80 7.64
CA ASN B 274 23.71 -11.17 8.87
C ASN B 274 24.76 -10.13 8.52
N ALA B 275 24.58 -8.92 9.07
CA ALA B 275 25.53 -7.85 8.83
C ALA B 275 26.91 -8.13 9.42
N ALA B 276 27.03 -9.11 10.31
CA ALA B 276 28.31 -9.49 10.88
C ALA B 276 28.94 -10.70 10.20
N SER B 277 28.23 -11.36 9.29
CA SER B 277 28.74 -12.55 8.64
C SER B 277 29.95 -12.21 7.78
N PRO B 278 31.04 -12.96 7.86
CA PRO B 278 32.15 -12.80 6.91
C PRO B 278 31.96 -13.54 5.60
N ASN B 279 30.78 -14.10 5.35
CA ASN B 279 30.50 -14.87 4.15
C ASN B 279 29.34 -14.28 3.36
N LYS B 280 29.17 -12.96 3.43
CA LYS B 280 28.04 -12.30 2.78
C LYS B 280 27.99 -12.63 1.29
N GLU B 281 29.15 -12.73 0.65
CA GLU B 281 29.19 -13.07 -0.77
C GLU B 281 28.80 -14.52 -1.01
N LEU B 282 29.11 -15.42 -0.08
CA LEU B 282 28.71 -16.80 -0.23
C LEU B 282 27.22 -16.98 0.01
N ALA B 283 26.68 -16.29 1.02
CA ALA B 283 25.24 -16.30 1.23
C ALA B 283 24.50 -15.82 -0.01
N LYS B 284 25.00 -14.76 -0.64
CA LYS B 284 24.41 -14.25 -1.88
C LYS B 284 24.39 -15.33 -2.96
N GLU B 285 25.54 -15.98 -3.18
CA GLU B 285 25.62 -17.02 -4.21
C GLU B 285 24.68 -18.19 -3.89
N PHE B 286 24.60 -18.58 -2.62
CA PHE B 286 23.70 -19.66 -2.23
C PHE B 286 22.25 -19.31 -2.53
N LEU B 287 21.79 -18.16 -2.03
CA LEU B 287 20.39 -17.79 -2.17
C LEU B 287 20.02 -17.52 -3.64
N GLU B 288 20.89 -16.83 -4.37
CA GLU B 288 20.54 -16.40 -5.73
C GLU B 288 20.61 -17.54 -6.73
N ASN B 289 21.66 -18.36 -6.66
CA ASN B 289 21.94 -19.34 -7.72
C ASN B 289 21.52 -20.75 -7.36
N TYR B 290 21.27 -21.04 -6.08
CA TYR B 290 20.88 -22.39 -5.67
C TYR B 290 19.47 -22.44 -5.10
N LEU B 291 19.16 -21.65 -4.07
CA LEU B 291 17.83 -21.69 -3.48
C LEU B 291 16.78 -21.19 -4.47
N LEU B 292 16.93 -19.95 -4.92
CA LEU B 292 15.92 -19.31 -5.77
C LEU B 292 16.04 -19.78 -7.23
N THR B 293 15.94 -21.10 -7.40
CA THR B 293 15.85 -21.72 -8.70
C THR B 293 14.69 -22.72 -8.68
N ASP B 294 14.29 -23.15 -9.88
CA ASP B 294 13.22 -24.14 -9.97
C ASP B 294 13.56 -25.41 -9.21
N GLU B 295 14.84 -25.79 -9.17
CA GLU B 295 15.25 -26.98 -8.45
C GLU B 295 15.42 -26.72 -6.96
N GLY B 296 15.95 -25.54 -6.60
CA GLY B 296 16.14 -25.24 -5.19
C GLY B 296 14.83 -25.12 -4.44
N LEU B 297 13.87 -24.39 -5.01
CA LEU B 297 12.60 -24.20 -4.34
C LEU B 297 11.79 -25.49 -4.29
N GLU B 298 11.88 -26.33 -5.32
CA GLU B 298 11.19 -27.61 -5.29
C GLU B 298 11.68 -28.48 -4.14
N ALA B 299 12.96 -28.38 -3.78
CA ALA B 299 13.50 -29.17 -2.69
C ALA B 299 12.93 -28.73 -1.35
N VAL B 300 12.85 -27.42 -1.12
CA VAL B 300 12.21 -26.94 0.11
C VAL B 300 10.70 -27.14 0.04
N ASN B 301 10.11 -27.04 -1.16
CA ASN B 301 8.66 -27.13 -1.28
C ASN B 301 8.18 -28.56 -1.10
N LYS B 302 8.90 -29.54 -1.66
CA LYS B 302 8.52 -30.93 -1.45
C LYS B 302 8.58 -31.31 0.02
N ASP B 303 9.54 -30.76 0.75
CA ASP B 303 9.62 -31.00 2.20
C ASP B 303 8.38 -30.43 2.89
N LYS B 304 8.16 -29.12 2.73
CA LYS B 304 6.99 -28.45 3.29
C LYS B 304 6.66 -27.28 2.37
N PRO B 305 5.43 -27.20 1.88
CA PRO B 305 5.09 -26.18 0.87
C PRO B 305 5.44 -24.78 1.33
N LEU B 306 6.05 -24.01 0.42
CA LEU B 306 6.45 -22.64 0.72
C LEU B 306 5.29 -21.67 0.59
N GLY B 307 4.32 -21.96 -0.27
CA GLY B 307 3.28 -21.02 -0.60
C GLY B 307 3.40 -20.58 -2.05
N ALA B 308 3.09 -19.32 -2.34
CA ALA B 308 3.26 -18.77 -3.67
C ALA B 308 4.68 -18.21 -3.76
N VAL B 309 5.57 -18.96 -4.43
CA VAL B 309 6.98 -18.58 -4.45
C VAL B 309 7.15 -17.26 -5.20
N ALA B 310 8.16 -16.49 -4.79
CA ALA B 310 8.46 -15.23 -5.46
C ALA B 310 9.12 -15.43 -6.81
N LEU B 311 9.76 -16.58 -7.02
CA LEU B 311 10.44 -16.83 -8.30
C LEU B 311 9.40 -17.09 -9.38
N LYS B 312 9.39 -16.23 -10.40
CA LYS B 312 8.39 -16.33 -11.46
C LYS B 312 8.39 -17.72 -12.10
N SER B 313 9.55 -18.20 -12.51
CA SER B 313 9.65 -19.46 -13.24
C SER B 313 8.94 -20.60 -12.50
N TYR B 314 9.19 -20.72 -11.19
CA TYR B 314 8.62 -21.81 -10.43
C TYR B 314 7.18 -21.54 -9.99
N GLU B 315 6.82 -20.27 -9.80
CA GLU B 315 5.46 -19.96 -9.36
C GLU B 315 4.43 -20.23 -10.46
N GLU B 316 4.84 -20.12 -11.73
CA GLU B 316 3.91 -20.41 -12.81
C GLU B 316 3.36 -21.83 -12.72
N GLU B 317 4.17 -22.76 -12.23
CA GLU B 317 3.72 -24.14 -12.10
C GLU B 317 2.89 -24.35 -10.84
N LEU B 318 3.41 -23.88 -9.69
CA LEU B 318 2.67 -24.02 -8.43
C LEU B 318 1.32 -23.34 -8.49
N ALA B 319 1.21 -22.23 -9.23
CA ALA B 319 -0.03 -21.46 -9.28
C ALA B 319 -1.22 -22.31 -9.71
N LYS B 320 -0.99 -23.42 -10.41
CA LYS B 320 -2.09 -24.30 -10.80
C LYS B 320 -2.63 -25.11 -9.62
N ASP B 321 -1.87 -25.24 -8.55
CA ASP B 321 -2.34 -25.99 -7.38
C ASP B 321 -3.51 -25.23 -6.75
N PRO B 322 -4.68 -25.86 -6.63
CA PRO B 322 -5.82 -25.15 -6.01
C PRO B 322 -5.56 -24.73 -4.58
N ARG B 323 -4.69 -25.46 -3.86
CA ARG B 323 -4.30 -25.01 -2.53
C ARG B 323 -3.54 -23.68 -2.61
N ILE B 324 -2.73 -23.50 -3.64
CA ILE B 324 -2.03 -22.23 -3.84
C ILE B 324 -3.01 -21.16 -4.30
N ALA B 325 -3.90 -21.50 -5.23
CA ALA B 325 -4.93 -20.56 -5.66
C ALA B 325 -5.78 -20.10 -4.48
N ALA B 326 -6.17 -21.02 -3.60
CA ALA B 326 -6.90 -20.64 -2.41
C ALA B 326 -6.03 -19.82 -1.47
N THR B 327 -4.73 -20.08 -1.43
CA THR B 327 -3.83 -19.29 -0.59
C THR B 327 -3.78 -17.84 -1.07
N MET B 328 -3.85 -17.62 -2.38
CA MET B 328 -3.79 -16.27 -2.90
C MET B 328 -5.09 -15.51 -2.71
N GLU B 329 -6.24 -16.18 -2.82
CA GLU B 329 -7.51 -15.50 -2.59
C GLU B 329 -7.60 -14.98 -1.16
N ASN B 330 -7.16 -15.79 -0.19
CA ASN B 330 -7.12 -15.32 1.19
C ASN B 330 -6.12 -14.19 1.34
N ALA B 331 -4.99 -14.26 0.64
CA ALA B 331 -4.00 -13.20 0.69
C ALA B 331 -4.54 -11.91 0.08
N GLN B 332 -5.17 -12.01 -1.09
CA GLN B 332 -5.73 -10.85 -1.76
C GLN B 332 -6.84 -10.20 -0.95
N LYS B 333 -7.45 -10.93 -0.02
CA LYS B 333 -8.44 -10.36 0.87
C LYS B 333 -7.84 -9.77 2.14
N GLY B 334 -6.60 -10.12 2.46
CA GLY B 334 -5.88 -9.55 3.57
C GLY B 334 -4.96 -8.43 3.13
N GLU B 335 -3.94 -8.18 3.95
CA GLU B 335 -2.95 -7.15 3.67
C GLU B 335 -1.56 -7.73 3.87
N ILE B 336 -0.63 -7.34 2.99
CA ILE B 336 0.78 -7.63 3.24
C ILE B 336 1.18 -6.91 4.51
N MET B 337 1.82 -7.64 5.41
CA MET B 337 2.21 -7.06 6.68
C MET B 337 3.13 -5.87 6.47
N PRO B 338 3.03 -4.82 7.28
CA PRO B 338 4.07 -3.81 7.29
C PRO B 338 5.36 -4.44 7.78
N ASN B 339 6.49 -3.87 7.35
CA ASN B 339 7.78 -4.32 7.84
C ASN B 339 8.41 -3.33 8.81
N ILE B 340 7.70 -2.29 9.21
CA ILE B 340 8.24 -1.22 10.03
C ILE B 340 8.71 -1.78 11.37
N PRO B 341 9.59 -1.08 12.09
CA PRO B 341 10.10 -1.63 13.36
C PRO B 341 9.02 -1.89 14.38
N GLN B 342 7.97 -1.08 14.42
CA GLN B 342 6.92 -1.19 15.44
C GLN B 342 6.09 -2.47 15.31
N MET B 343 6.36 -3.31 14.32
CA MET B 343 5.58 -4.54 14.16
C MET B 343 5.78 -5.48 15.34
N SER B 344 7.01 -5.55 15.87
CA SER B 344 7.27 -6.41 17.02
C SER B 344 6.38 -6.02 18.20
N ALA B 345 6.23 -4.72 18.45
CA ALA B 345 5.39 -4.26 19.55
C ALA B 345 3.92 -4.52 19.26
N PHE B 346 3.50 -4.38 18.00
CA PHE B 346 2.11 -4.65 17.65
C PHE B 346 1.75 -6.11 17.92
N TRP B 347 2.62 -7.03 17.50
CA TRP B 347 2.32 -8.45 17.68
C TRP B 347 2.31 -8.83 19.15
N TYR B 348 3.27 -8.32 19.94
CA TYR B 348 3.25 -8.57 21.37
C TYR B 348 1.98 -8.03 22.01
N ALA B 349 1.56 -6.83 21.60
CA ALA B 349 0.36 -6.24 22.17
C ALA B 349 -0.88 -7.06 21.86
N VAL B 350 -1.05 -7.48 20.60
CA VAL B 350 -2.21 -8.27 20.23
C VAL B 350 -2.12 -9.67 20.82
N ARG B 351 -0.91 -10.21 20.97
CA ARG B 351 -0.75 -11.52 21.61
C ARG B 351 -1.30 -11.51 23.02
N THR B 352 -0.98 -10.47 23.79
CA THR B 352 -1.43 -10.38 25.18
C THR B 352 -2.95 -10.21 25.26
N ALA B 353 -3.51 -9.36 24.39
CA ALA B 353 -4.95 -9.09 24.46
C ALA B 353 -5.76 -10.33 24.11
N VAL B 354 -5.31 -11.11 23.13
CA VAL B 354 -6.04 -12.31 22.74
C VAL B 354 -5.93 -13.39 23.81
N ILE B 355 -4.73 -13.58 24.37
CA ILE B 355 -4.55 -14.57 25.42
C ILE B 355 -5.32 -14.18 26.67
N ASN B 356 -5.29 -12.90 27.04
CA ASN B 356 -5.97 -12.45 28.25
C ASN B 356 -7.48 -12.40 28.10
N ALA B 357 -7.99 -12.11 26.90
CA ALA B 357 -9.43 -12.12 26.69
C ALA B 357 -9.96 -13.54 26.51
N ALA B 358 -9.13 -14.45 25.98
CA ALA B 358 -9.55 -15.84 25.82
C ALA B 358 -9.62 -16.53 27.17
N SER B 359 -8.57 -16.42 27.98
CA SER B 359 -8.54 -17.06 29.29
C SER B 359 -9.60 -16.48 30.21
N GLY B 360 -9.94 -15.20 30.04
CA GLY B 360 -10.89 -14.53 30.89
C GLY B 360 -10.29 -13.57 31.90
N ARG B 361 -8.97 -13.57 32.05
CA ARG B 361 -8.34 -12.68 33.04
C ARG B 361 -8.40 -11.21 32.65
N GLN B 362 -9.12 -10.84 31.59
CA GLN B 362 -9.27 -9.46 31.17
C GLN B 362 -10.40 -9.40 30.16
N THR B 363 -11.27 -8.41 30.29
CA THR B 363 -12.37 -8.25 29.35
C THR B 363 -11.83 -7.80 27.99
N VAL B 364 -12.63 -8.09 26.95
CA VAL B 364 -12.26 -7.69 25.59
C VAL B 364 -11.98 -6.19 25.53
N ASP B 365 -12.88 -5.39 26.13
CA ASP B 365 -12.67 -3.95 26.16
C ASP B 365 -11.36 -3.58 26.83
N ALA B 366 -11.06 -4.21 27.98
CA ALA B 366 -9.81 -3.89 28.67
C ALA B 366 -8.60 -4.46 27.95
N ALA B 367 -8.74 -5.64 27.32
CA ALA B 367 -7.63 -6.23 26.61
C ALA B 367 -7.25 -5.40 25.38
N LEU B 368 -8.23 -5.10 24.53
CA LEU B 368 -7.95 -4.31 23.33
C LEU B 368 -7.61 -2.87 23.68
N ALA B 369 -8.23 -2.30 24.72
CA ALA B 369 -7.83 -0.97 25.17
C ALA B 369 -6.37 -0.95 25.59
N ALA B 370 -5.90 -2.05 26.21
CA ALA B 370 -4.49 -2.15 26.55
C ALA B 370 -3.64 -2.39 25.30
N ALA B 371 -4.13 -3.23 24.38
CA ALA B 371 -3.42 -3.45 23.12
C ALA B 371 -3.27 -2.16 22.34
N GLN B 372 -4.33 -1.34 22.33
CA GLN B 372 -4.28 -0.05 21.66
C GLN B 372 -3.12 0.81 22.18
N THR B 373 -2.95 0.85 23.50
CA THR B 373 -1.93 1.70 24.10
C THR B 373 -0.53 1.23 23.74
N ASN B 374 -0.29 -0.07 23.77
CA ASN B 374 1.05 -0.63 23.65
C ASN B 374 1.41 -1.07 22.23
N ALA B 375 0.50 -0.90 21.26
CA ALA B 375 0.78 -1.33 19.90
C ALA B 375 1.95 -0.56 19.30
N ALA B 376 1.92 0.77 19.44
CA ALA B 376 2.94 1.63 18.87
C ALA B 376 4.09 1.92 19.82
N ALA B 377 4.05 1.36 21.03
CA ALA B 377 5.11 1.59 21.99
C ALA B 377 6.45 1.12 21.45
N MET B 378 7.53 1.73 21.95
CA MET B 378 8.87 1.29 21.58
C MET B 378 9.14 -0.12 22.09
N ASP B 379 8.95 -0.34 23.38
CA ASP B 379 8.81 -1.69 23.96
C ASP B 379 9.97 -2.64 23.67
N MET B 380 11.15 -2.37 24.25
CA MET B 380 12.25 -3.33 24.25
C MET B 380 12.64 -3.73 22.84
N LYS B 381 12.15 -2.99 21.84
CA LYS B 381 12.50 -3.29 20.47
C LYS B 381 13.92 -2.85 20.18
N GLU B 382 14.25 -1.62 20.57
CA GLU B 382 15.63 -1.14 20.53
C GLU B 382 16.10 -0.67 21.89
N TRP B 383 15.50 -1.20 22.97
CA TRP B 383 15.86 -0.76 24.35
C TRP B 383 17.15 -1.40 24.87
N GLU B 384 17.22 -2.74 24.80
CA GLU B 384 18.36 -3.59 25.28
C GLU B 384 19.71 -3.08 24.75
N ILE B 385 19.75 -2.62 23.50
CA ILE B 385 20.91 -2.00 22.82
C ILE B 385 21.62 -1.14 23.84
N PHE B 386 20.91 -0.11 24.32
CA PHE B 386 21.48 0.91 25.25
C PHE B 386 21.18 0.55 26.70
N TYR B 387 20.09 -0.16 26.97
CA TYR B 387 19.74 -0.52 28.38
C TYR B 387 20.89 -1.23 29.07
N ASN B 388 21.56 -2.17 28.39
CA ASN B 388 22.78 -2.82 28.91
C ASN B 388 23.99 -1.91 28.59
N LYS B 389 24.02 -1.28 27.42
CA LYS B 389 25.12 -0.36 27.10
C LYS B 389 25.30 0.66 28.21
N ILE B 390 24.19 1.21 28.72
CA ILE B 390 24.26 2.17 29.81
C ILE B 390 24.57 1.49 31.15
N MET B 391 24.08 0.27 31.34
CA MET B 391 24.17 -0.37 32.65
C MET B 391 25.63 -0.70 33.01
N GLU B 392 26.37 -1.28 32.08
CA GLU B 392 27.77 -1.60 32.34
C GLU B 392 28.71 -0.43 32.09
N ASP B 393 28.29 0.57 31.31
CA ASP B 393 29.09 1.77 31.13
C ASP B 393 29.19 2.55 32.44
N PHE B 394 28.11 2.60 33.21
CA PHE B 394 28.13 3.22 34.52
C PHE B 394 28.37 2.23 35.64
N GLY B 395 28.14 0.94 35.40
CA GLY B 395 28.32 -0.08 36.42
C GLY B 395 27.09 -0.40 37.23
N PHE B 396 25.91 0.01 36.79
CA PHE B 396 24.69 -0.26 37.54
C PHE B 396 24.43 -1.76 37.64
N ASP B 397 23.77 -2.15 38.72
CA ASP B 397 23.45 -3.55 38.99
C ASP B 397 22.14 -3.89 38.29
N LYS B 398 22.24 -4.69 37.22
CA LYS B 398 21.05 -5.08 36.46
C LYS B 398 20.01 -5.74 37.36
N ASP B 399 20.44 -6.58 38.28
CA ASP B 399 19.49 -7.27 39.15
C ASP B 399 18.79 -6.31 40.10
N LYS B 400 19.43 -5.19 40.44
CA LYS B 400 18.81 -4.22 41.34
C LYS B 400 17.77 -3.37 40.64
N ASP B 401 17.99 -3.01 39.38
CA ASP B 401 16.92 -2.41 38.61
C ASP B 401 15.68 -3.30 38.64
N VAL B 402 15.88 -4.62 38.71
CA VAL B 402 14.73 -5.51 38.75
C VAL B 402 14.02 -5.44 40.10
N GLU B 403 14.78 -5.57 41.19
CA GLU B 403 14.19 -5.53 42.51
C GLU B 403 13.41 -4.24 42.75
N SER B 404 13.95 -3.11 42.28
CA SER B 404 13.27 -1.84 42.51
C SER B 404 12.00 -1.71 41.67
N ALA B 405 12.03 -2.18 40.42
CA ALA B 405 10.81 -2.11 39.61
C ALA B 405 9.71 -2.96 40.20
N VAL B 406 10.04 -4.19 40.60
CA VAL B 406 9.06 -5.07 41.23
C VAL B 406 8.49 -4.41 42.48
N ILE B 407 9.38 -3.88 43.32
CA ILE B 407 8.94 -3.24 44.57
C ILE B 407 7.99 -2.08 44.26
N LEU B 408 8.39 -1.18 43.35
CA LEU B 408 7.54 -0.05 42.98
C LEU B 408 6.14 -0.51 42.57
N ASN B 409 6.04 -1.63 41.84
CA ASN B 409 4.75 -2.15 41.40
C ASN B 409 3.88 -2.59 42.55
N ASN B 410 4.45 -3.40 43.45
CA ASN B 410 3.67 -3.91 44.56
C ASN B 410 3.14 -2.77 45.43
N ILE B 411 3.91 -1.70 45.58
CA ILE B 411 3.48 -0.60 46.42
C ILE B 411 2.30 0.15 45.81
N LEU B 412 2.27 0.28 44.47
CA LEU B 412 1.19 0.98 43.81
C LEU B 412 -0.09 0.14 43.71
N GLU B 413 -0.01 -1.15 44.03
CA GLU B 413 -1.19 -2.01 43.93
C GLU B 413 -2.30 -1.56 44.87
N ASN B 414 -1.95 -0.91 45.98
CA ASN B 414 -2.94 -0.67 47.03
C ASN B 414 -3.01 0.79 47.49
N ALA B 415 -2.34 1.71 46.80
CA ALA B 415 -2.25 3.07 47.32
C ALA B 415 -2.18 4.07 46.18
N ASN B 416 -3.25 4.84 46.00
CA ASN B 416 -3.22 6.17 45.38
C ASN B 416 -2.61 6.17 43.98
N THR B 417 -3.26 5.47 43.07
CA THR B 417 -2.81 5.40 41.68
C THR B 417 -3.58 6.39 40.81
N ILE B 418 -3.05 6.64 39.62
CA ILE B 418 -3.76 7.33 38.55
C ILE B 418 -3.76 6.43 37.32
N PRO B 419 -4.87 6.28 36.61
CA PRO B 419 -4.89 5.43 35.42
C PRO B 419 -4.02 6.01 34.32
N VAL B 420 -3.45 5.11 33.51
CA VAL B 420 -2.53 5.53 32.45
C VAL B 420 -3.26 6.41 31.43
N ASP B 421 -4.46 6.00 31.02
CA ASP B 421 -5.20 6.69 29.97
C ASP B 421 -5.69 8.07 30.39
N LYS B 422 -5.47 8.48 31.64
CA LYS B 422 -5.73 9.86 32.03
C LYS B 422 -4.62 10.79 31.56
N LEU B 423 -3.41 10.26 31.37
CA LEU B 423 -2.35 11.01 30.73
C LEU B 423 -2.53 11.00 29.22
N LYS B 424 -2.98 9.84 28.70
CA LYS B 424 -3.21 9.66 27.24
C LYS B 424 -4.16 10.75 26.75
N ASP B 425 -5.12 11.14 27.61
CA ASP B 425 -6.10 12.20 27.27
C ASP B 425 -5.38 13.56 27.33
N ILE B 426 -4.35 13.66 28.18
CA ILE B 426 -3.57 14.92 28.33
C ILE B 426 -2.60 15.04 27.13
N ILE B 427 -2.04 13.91 26.68
CA ILE B 427 -1.10 13.97 25.52
C ILE B 427 -1.63 13.17 24.33
N GLU B 428 -2.44 13.81 23.49
CA GLU B 428 -2.92 13.13 22.27
C GLU B 428 -3.39 14.21 21.30
N GLY B 429 -2.66 14.29 20.19
CA GLY B 429 -2.96 15.33 19.21
C GLY B 429 -2.89 16.65 19.93
N ARG B 430 -1.93 16.79 20.86
CA ARG B 430 -1.75 18.05 21.62
C ARG B 430 -0.26 18.37 21.70
N GLU B 431 0.14 19.58 21.31
CA GLU B 431 1.57 20.01 21.37
C GLU B 431 2.01 19.94 22.83
N VAL B 432 2.98 19.08 23.16
CA VAL B 432 3.43 18.94 24.53
C VAL B 432 4.72 19.70 24.75
N PHE B 433 4.82 20.40 25.89
CA PHE B 433 6.05 21.03 26.31
C PHE B 433 6.81 20.10 27.23
N ILE B 434 8.09 19.89 26.92
CA ILE B 434 8.98 19.08 27.73
C ILE B 434 10.05 20.00 28.28
N PHE B 435 10.26 19.96 29.60
CA PHE B 435 11.20 20.86 30.25
C PHE B 435 12.19 20.07 31.09
N GLY B 436 13.48 20.29 30.83
CA GLY B 436 14.53 19.83 31.72
C GLY B 436 14.95 20.92 32.68
N ALA B 437 15.94 20.58 33.50
CA ALA B 437 16.50 21.51 34.47
C ALA B 437 17.62 22.37 33.89
N GLY B 438 17.64 22.55 32.58
CA GLY B 438 18.72 23.21 31.89
C GLY B 438 18.93 24.67 32.28
N PRO B 439 19.88 25.33 31.62
CA PRO B 439 20.21 26.71 32.02
C PRO B 439 19.17 27.72 31.60
N SER B 440 18.48 27.50 30.48
CA SER B 440 17.50 28.45 29.96
C SER B 440 16.09 28.18 30.48
N ILE B 441 15.96 27.53 31.63
CA ILE B 441 14.65 27.15 32.13
C ILE B 441 13.79 28.39 32.35
N LYS B 442 14.33 29.41 33.01
CA LYS B 442 13.55 30.62 33.27
C LYS B 442 13.28 31.38 31.97
N LYS B 443 14.27 31.45 31.08
CA LYS B 443 14.04 32.05 29.78
C LYS B 443 12.92 31.34 29.03
N HIS B 444 13.04 30.02 28.87
CA HIS B 444 12.04 29.28 28.10
C HIS B 444 10.68 29.27 28.79
N ILE B 445 10.65 29.13 30.12
CA ILE B 445 9.39 29.26 30.85
C ILE B 445 8.74 30.60 30.57
N ASN B 446 9.55 31.64 30.30
CA ASN B 446 9.00 32.92 29.90
C ASN B 446 8.39 32.85 28.51
N ILE B 447 9.06 32.15 27.58
CA ILE B 447 8.47 31.93 26.26
C ILE B 447 7.13 31.23 26.38
N LEU B 448 7.07 30.19 27.21
CA LEU B 448 5.85 29.40 27.34
C LEU B 448 4.73 30.22 27.98
N LYS B 449 5.03 30.94 29.06
CA LYS B 449 3.98 31.70 29.74
C LYS B 449 3.31 32.67 28.78
N GLU B 450 4.07 33.60 28.21
CA GLU B 450 3.55 34.49 27.18
C GLU B 450 2.96 33.73 25.99
N LEU B 451 3.33 32.46 25.82
CA LEU B 451 2.67 31.62 24.83
C LEU B 451 1.39 31.01 25.39
N ARG B 452 1.38 30.68 26.68
CA ARG B 452 0.16 30.19 27.32
C ARG B 452 -0.78 31.32 27.68
N GLU B 453 -0.25 32.49 28.02
CA GLU B 453 -1.08 33.66 28.30
C GLU B 453 -1.96 34.06 27.11
N ILE B 454 -1.67 33.53 25.92
CA ILE B 454 -2.44 33.86 24.72
C ILE B 454 -3.29 32.67 24.27
N ASN B 455 -3.68 31.82 25.22
CA ASN B 455 -4.62 30.71 25.07
C ASN B 455 -4.03 29.44 24.46
N TYR B 456 -2.75 29.42 24.07
CA TYR B 456 -2.14 28.20 23.55
C TYR B 456 -1.67 27.36 24.74
N LYS B 457 -2.59 26.95 25.62
CA LYS B 457 -2.11 26.23 26.84
C LYS B 457 -2.32 24.72 26.73
N ASN B 458 -1.23 24.02 26.45
CA ASN B 458 -1.33 22.57 26.20
C ASN B 458 -0.65 21.80 27.33
N PRO B 459 -0.46 20.47 27.20
CA PRO B 459 0.18 19.69 28.24
C PRO B 459 1.65 20.12 28.38
N ILE B 460 2.15 20.05 29.62
CA ILE B 460 3.48 20.42 30.08
C ILE B 460 4.02 19.28 30.90
N ILE B 461 5.08 18.63 30.42
CA ILE B 461 5.78 17.59 31.16
C ILE B 461 7.16 18.13 31.52
N VAL B 462 7.54 18.01 32.79
CA VAL B 462 8.78 18.59 33.28
C VAL B 462 9.57 17.52 34.04
N ALA B 463 10.89 17.63 33.96
CA ALA B 463 11.74 16.77 34.76
C ALA B 463 11.68 17.19 36.22
N ASP B 464 12.13 16.28 37.10
CA ASP B 464 12.03 16.50 38.54
C ASP B 464 12.67 17.83 38.95
N GLY B 465 13.91 18.05 38.53
CA GLY B 465 14.66 19.21 38.97
C GLY B 465 14.09 20.55 38.53
N ALA B 466 13.00 20.53 37.76
CA ALA B 466 12.38 21.74 37.26
C ALA B 466 11.10 22.12 38.01
N CYS B 467 10.74 21.36 39.04
CA CYS B 467 9.49 21.61 39.77
C CYS B 467 9.49 23.01 40.38
N LYS B 468 10.49 23.32 41.21
CA LYS B 468 10.53 24.61 41.87
C LYS B 468 10.72 25.75 40.87
N ALA B 469 11.40 25.48 39.77
CA ALA B 469 11.59 26.51 38.76
C ALA B 469 10.28 26.84 38.02
N PHE B 470 9.24 26.03 38.20
CA PHE B 470 7.93 26.32 37.64
C PHE B 470 6.95 26.89 38.66
N LEU B 471 7.05 26.45 39.92
CA LEU B 471 6.17 26.97 40.97
C LEU B 471 6.33 28.48 41.12
N GLU B 472 7.57 28.96 41.11
CA GLU B 472 7.84 30.38 41.30
C GLU B 472 7.09 31.25 40.30
N GLU B 473 6.73 30.71 39.14
CA GLU B 473 5.90 31.41 38.16
C GLU B 473 4.47 30.92 38.17
N ASN B 474 4.07 30.19 39.21
CA ASN B 474 2.73 29.61 39.35
C ASN B 474 2.28 28.92 38.06
N ILE B 475 3.13 28.02 37.59
CA ILE B 475 2.81 27.13 36.49
C ILE B 475 2.92 25.71 37.05
N ILE B 476 1.77 25.04 37.17
CA ILE B 476 1.69 23.72 37.79
C ILE B 476 1.83 22.69 36.68
N PRO B 477 2.96 22.00 36.56
CA PRO B 477 3.14 21.03 35.48
C PRO B 477 2.04 19.98 35.48
N ASP B 478 1.65 19.55 34.29
CA ASP B 478 0.65 18.49 34.18
C ASP B 478 1.23 17.15 34.60
N ILE B 479 2.44 16.85 34.15
CA ILE B 479 3.15 15.63 34.51
C ILE B 479 4.55 15.99 34.95
N ILE B 480 5.07 15.25 35.91
CA ILE B 480 6.44 15.41 36.39
C ILE B 480 7.10 14.04 36.41
N VAL B 481 8.20 13.91 35.67
CA VAL B 481 8.96 12.66 35.64
C VAL B 481 10.08 12.79 36.67
N SER B 482 10.11 11.86 37.62
CA SER B 482 11.04 11.96 38.74
C SER B 482 11.44 10.58 39.21
N ASP B 483 12.69 10.47 39.65
CA ASP B 483 13.17 9.30 40.39
C ASP B 483 13.19 9.54 41.89
N LEU B 484 12.67 10.68 42.34
CA LEU B 484 12.58 11.03 43.75
C LEU B 484 13.95 11.15 44.41
N ASP B 485 14.90 11.78 43.71
CA ASP B 485 16.28 11.85 44.21
C ASP B 485 16.56 13.11 45.00
N GLY B 486 16.28 14.28 44.43
CA GLY B 486 16.69 15.54 45.04
C GLY B 486 15.64 16.22 45.89
N ASP B 487 15.44 17.52 45.65
CA ASP B 487 14.52 18.33 46.45
C ASP B 487 13.09 17.90 46.16
N LEU B 488 12.51 17.13 47.09
CA LEU B 488 11.17 16.60 46.90
C LEU B 488 10.08 17.55 47.37
N GLU B 489 10.43 18.65 48.03
CA GLU B 489 9.42 19.57 48.53
C GLU B 489 8.69 20.26 47.40
N ALA B 490 9.43 20.83 46.45
CA ALA B 490 8.82 21.44 45.28
C ALA B 490 7.92 20.45 44.55
N LEU B 491 8.37 19.20 44.42
CA LEU B 491 7.58 18.18 43.76
C LEU B 491 6.26 17.94 44.48
N PHE B 492 6.32 17.70 45.80
CA PHE B 492 5.12 17.37 46.56
C PHE B 492 4.06 18.46 46.44
N GLU B 493 4.47 19.73 46.47
CA GLU B 493 3.52 20.82 46.32
C GLU B 493 2.83 20.75 44.96
N CYS B 494 3.68 20.55 43.96
CA CYS B 494 3.28 20.39 42.55
C CYS B 494 2.36 19.19 42.54
N ASN B 495 2.69 18.16 43.33
CA ASN B 495 1.74 17.04 43.35
C ASN B 495 0.43 17.55 43.94
N ARG B 496 0.49 18.30 45.05
CA ARG B 496 -0.73 18.83 45.71
C ARG B 496 -1.48 19.78 44.77
N LYS B 497 -0.75 20.57 43.98
CA LYS B 497 -1.28 21.60 43.05
C LYS B 497 -1.73 20.99 41.70
N GLY B 498 -1.70 19.67 41.53
CA GLY B 498 -2.26 19.04 40.31
C GLY B 498 -1.30 18.24 39.44
N SER B 499 -0.02 18.17 39.78
CA SER B 499 0.87 17.49 38.82
C SER B 499 0.87 15.97 38.95
N ILE B 500 0.53 15.23 37.89
CA ILE B 500 0.71 13.78 37.96
C ILE B 500 2.19 13.49 38.09
N ILE B 501 2.52 12.49 38.92
CA ILE B 501 3.91 12.14 39.20
C ILE B 501 4.19 10.78 38.58
N VAL B 502 5.11 10.75 37.61
CA VAL B 502 5.58 9.49 37.04
C VAL B 502 6.84 9.10 37.80
N VAL B 503 6.73 8.12 38.68
CA VAL B 503 7.83 7.68 39.52
C VAL B 503 8.60 6.60 38.80
N HIS B 504 9.92 6.76 38.73
CA HIS B 504 10.80 5.89 37.97
C HIS B 504 11.64 5.07 38.93
N ALA B 505 11.64 3.75 38.74
CA ALA B 505 12.42 2.83 39.60
C ALA B 505 13.89 2.82 39.16
N HIS B 506 14.80 3.09 40.11
CA HIS B 506 16.26 3.10 39.81
C HIS B 506 16.99 2.19 40.80
N GLY B 507 18.04 1.51 40.34
CA GLY B 507 18.82 0.61 41.20
C GLY B 507 19.39 1.32 42.41
N ASP B 508 19.42 2.65 42.39
CA ASP B 508 19.94 3.42 43.49
C ASP B 508 18.86 4.20 44.25
N ASN B 509 17.58 3.98 43.94
CA ASN B 509 16.50 4.76 44.53
C ASN B 509 15.49 3.90 45.30
N ILE B 510 15.79 2.62 45.52
CA ILE B 510 14.82 1.72 46.15
C ILE B 510 14.37 2.27 47.51
N GLU B 511 15.26 2.94 48.23
CA GLU B 511 14.89 3.52 49.52
C GLU B 511 13.72 4.48 49.39
N LYS B 512 13.91 5.56 48.63
CA LYS B 512 12.90 6.61 48.55
C LYS B 512 11.65 6.16 47.82
N ILE B 513 11.73 5.09 47.02
CA ILE B 513 10.53 4.50 46.43
C ILE B 513 9.57 4.08 47.53
N LYS B 514 10.00 3.17 48.39
CA LYS B 514 9.14 2.72 49.48
C LYS B 514 8.78 3.85 50.44
N LYS B 515 9.58 4.92 50.51
CA LYS B 515 9.39 5.95 51.52
C LYS B 515 8.38 7.01 51.08
N TYR B 516 8.67 7.70 49.98
CA TYR B 516 7.90 8.89 49.60
C TYR B 516 6.71 8.56 48.71
N VAL B 517 6.72 7.44 48.01
CA VAL B 517 5.63 7.05 47.11
C VAL B 517 4.28 7.04 47.82
N PRO B 518 4.09 6.26 48.88
CA PRO B 518 2.73 6.15 49.46
C PRO B 518 2.14 7.47 49.93
N LYS B 519 2.95 8.51 50.12
CA LYS B 519 2.47 9.82 50.53
C LYS B 519 2.26 10.76 49.35
N LEU B 520 2.22 10.24 48.13
CA LEU B 520 1.99 11.04 46.94
C LEU B 520 0.64 10.71 46.34
N LYS B 521 0.11 11.65 45.58
CA LYS B 521 -1.14 11.48 44.86
C LYS B 521 -0.84 11.48 43.37
N ASN B 522 -1.72 10.85 42.60
CA ASN B 522 -1.66 10.89 41.15
C ASN B 522 -0.30 10.39 40.64
N VAL B 523 -0.04 9.11 40.90
CA VAL B 523 1.24 8.50 40.61
C VAL B 523 1.10 7.50 39.48
N VAL B 524 2.11 7.46 38.61
CA VAL B 524 2.24 6.44 37.58
C VAL B 524 3.64 5.85 37.68
N GLY B 525 3.75 4.54 37.48
CA GLY B 525 5.01 3.86 37.65
C GLY B 525 5.88 3.83 36.42
N SER B 526 7.18 3.93 36.64
CA SER B 526 8.19 3.83 35.58
C SER B 526 9.33 2.95 36.07
N CYS B 527 9.91 2.20 35.13
CA CYS B 527 11.07 1.37 35.41
C CYS B 527 11.94 1.33 34.17
N GLN B 528 13.21 1.00 34.37
CA GLN B 528 14.11 0.88 33.22
C GLN B 528 14.15 -0.52 32.65
N ILE B 529 13.89 -1.52 33.50
CA ILE B 529 13.88 -2.96 33.10
C ILE B 529 12.98 -3.13 31.87
N PRO B 530 13.54 -3.47 30.68
CA PRO B 530 12.73 -3.64 29.47
C PRO B 530 11.54 -4.58 29.70
N ASN B 531 11.80 -5.74 30.33
CA ASN B 531 10.73 -6.73 30.62
C ASN B 531 9.65 -6.09 31.48
N TYR B 532 8.63 -5.49 30.84
CA TYR B 532 7.51 -4.83 31.56
C TYR B 532 6.31 -5.78 31.61
N LYS B 533 6.29 -6.77 30.70
CA LYS B 533 5.19 -7.76 30.65
C LYS B 533 5.76 -9.17 30.84
N GLU B 534 7.01 -9.26 31.29
CA GLU B 534 7.68 -10.56 31.52
C GLU B 534 7.92 -10.76 33.02
N LEU B 535 7.94 -9.65 33.78
CA LEU B 535 8.15 -9.72 35.26
C LEU B 535 6.80 -9.61 35.96
N ASN B 536 5.70 -9.82 35.22
CA ASN B 536 4.32 -9.75 35.77
C ASN B 536 4.09 -8.39 36.43
N LEU B 537 4.50 -7.31 35.76
CA LEU B 537 4.32 -5.94 36.30
C LEU B 537 3.10 -5.30 35.61
N ARG B 538 2.16 -4.75 36.39
CA ARG B 538 0.96 -4.15 35.82
C ARG B 538 0.65 -2.79 36.43
N ASN B 539 1.48 -2.32 37.33
CA ASN B 539 1.32 -0.99 37.87
C ASN B 539 2.49 -0.10 37.52
N VAL B 540 3.44 -0.60 36.74
CA VAL B 540 4.60 0.15 36.29
C VAL B 540 4.60 0.10 34.77
N ILE B 541 5.38 1.00 34.16
CA ILE B 541 5.60 0.98 32.70
C ILE B 541 7.00 1.48 32.38
N ASN B 542 7.63 0.84 31.39
CA ASN B 542 8.93 1.29 30.85
C ASN B 542 8.70 1.89 29.46
N PHE B 543 8.48 3.21 29.43
CA PHE B 543 8.31 3.93 28.18
C PHE B 543 9.63 4.15 27.45
N GLY B 544 10.75 3.84 28.07
CA GLY B 544 12.06 4.08 27.47
C GLY B 544 12.68 5.37 27.96
N GLY B 545 14.00 5.41 27.96
CA GLY B 545 14.72 6.59 28.37
C GLY B 545 15.61 6.41 29.58
N PHE B 546 16.70 7.19 29.64
CA PHE B 546 17.65 7.09 30.74
C PHE B 546 17.46 8.22 31.76
N THR B 547 17.61 9.46 31.34
CA THR B 547 17.48 10.58 32.26
C THR B 547 16.05 11.08 32.28
N ASP B 548 15.68 11.74 33.38
CA ASP B 548 14.35 12.34 33.50
C ASP B 548 14.02 13.18 32.26
N GLY B 549 14.97 13.98 31.79
CA GLY B 549 14.78 14.81 30.62
C GLY B 549 14.32 14.05 29.40
N ASP B 550 15.09 13.04 28.97
CA ASP B 550 14.71 12.29 27.78
C ASP B 550 13.52 11.37 28.04
N ARG B 551 13.40 10.83 29.26
CA ARG B 551 12.25 9.99 29.58
C ARG B 551 10.94 10.74 29.37
N CYS B 552 10.93 12.04 29.72
CA CYS B 552 9.76 12.87 29.43
C CYS B 552 9.40 12.80 27.95
N CYS B 553 10.41 12.75 27.08
CA CYS B 553 10.15 12.67 25.64
C CYS B 553 9.55 11.32 25.27
N PHE B 554 10.14 10.23 25.76
CA PHE B 554 9.57 8.92 25.53
C PHE B 554 8.15 8.84 26.06
N LEU B 555 7.88 9.49 27.20
CA LEU B 555 6.55 9.45 27.79
C LEU B 555 5.53 10.09 26.86
N ALA B 556 5.74 11.36 26.50
CA ALA B 556 4.83 12.04 25.58
C ALA B 556 4.70 11.25 24.28
N TYR B 557 5.82 10.73 23.77
CA TYR B 557 5.77 9.92 22.54
C TYR B 557 4.95 8.65 22.74
N HIS B 558 5.21 7.94 23.84
CA HIS B 558 4.52 6.68 24.10
C HIS B 558 3.01 6.84 24.08
N PHE B 559 2.51 8.02 24.45
CA PHE B 559 1.08 8.27 24.54
C PHE B 559 0.56 9.15 23.40
N LYS B 560 1.16 9.04 22.21
CA LYS B 560 0.63 9.64 21.00
C LYS B 560 0.62 11.18 21.03
N ALA B 561 1.75 11.76 21.43
CA ALA B 561 1.90 13.21 21.35
C ALA B 561 2.27 13.61 19.92
N LYS B 562 1.66 14.70 19.47
CA LYS B 562 1.92 15.17 18.11
C LYS B 562 3.37 15.62 17.94
N LYS B 563 3.79 16.60 18.74
CA LYS B 563 5.11 17.20 18.59
C LYS B 563 5.66 17.58 19.96
N LEU B 564 6.97 17.41 20.12
CA LEU B 564 7.66 17.77 21.35
C LEU B 564 8.20 19.19 21.24
N ILE B 565 8.26 19.87 22.39
CA ILE B 565 8.72 21.25 22.47
C ILE B 565 9.52 21.37 23.76
N LEU B 566 10.85 21.44 23.63
CA LEU B 566 11.76 21.23 24.75
C LEU B 566 12.31 22.55 25.26
N GLY B 567 12.37 22.67 26.59
CA GLY B 567 12.84 23.89 27.22
C GLY B 567 13.85 23.68 28.32
N GLY B 568 14.74 22.70 28.15
CA GLY B 568 15.76 22.42 29.15
C GLY B 568 17.06 21.93 28.56
N ILE B 593 30.81 10.88 34.69
CA ILE B 593 29.52 10.21 34.74
C ILE B 593 28.38 11.21 34.77
N LYS B 594 28.72 12.49 34.88
CA LYS B 594 27.74 13.55 34.73
C LYS B 594 27.69 14.04 33.29
N ILE B 595 28.80 13.94 32.58
CA ILE B 595 28.74 14.36 31.20
C ILE B 595 28.31 13.21 30.32
N LYS B 596 28.59 11.98 30.71
CA LYS B 596 28.19 10.84 29.89
C LYS B 596 26.68 10.58 29.95
N LYS B 597 25.97 11.13 30.95
CA LYS B 597 24.52 11.02 30.95
C LYS B 597 23.88 12.02 30.01
N LEU B 598 24.42 13.24 29.95
CA LEU B 598 23.93 14.22 28.99
C LEU B 598 24.11 13.75 27.56
N GLU B 599 24.95 12.76 27.31
CA GLU B 599 25.07 12.35 25.93
C GLU B 599 24.12 11.21 25.59
N TYR B 600 23.93 10.28 26.51
CA TYR B 600 22.84 9.34 26.33
C TYR B 600 21.51 10.08 26.16
N ALA B 601 21.38 11.24 26.79
CA ALA B 601 20.18 12.05 26.64
C ALA B 601 19.99 12.48 25.19
N LYS B 602 20.94 13.27 24.67
CA LYS B 602 20.86 13.70 23.28
C LYS B 602 20.85 12.51 22.32
N THR B 603 21.60 11.45 22.66
CA THR B 603 21.53 10.22 21.88
C THR B 603 20.10 9.70 21.82
N LEU B 604 19.44 9.62 22.97
CA LEU B 604 18.07 9.09 23.01
C LEU B 604 17.06 10.10 22.50
N ILE B 605 17.34 11.40 22.60
CA ILE B 605 16.40 12.40 22.09
C ILE B 605 16.41 12.41 20.56
N ASN B 606 17.60 12.34 19.95
CA ASN B 606 17.68 12.24 18.49
C ASN B 606 16.98 10.98 17.98
N TYR B 607 16.96 9.92 18.79
CA TYR B 607 16.31 8.67 18.38
C TYR B 607 14.85 8.90 17.99
N LEU B 608 14.16 9.79 18.70
CA LEU B 608 12.76 10.08 18.42
C LEU B 608 12.56 11.22 17.43
N LYS B 609 13.63 11.90 17.00
CA LYS B 609 13.48 13.00 16.07
C LYS B 609 12.96 12.55 14.71
N ASP B 610 13.12 11.27 14.38
CA ASP B 610 12.56 10.70 13.17
C ASP B 610 11.18 10.07 13.40
N LYS B 611 10.64 10.18 14.62
CA LYS B 611 9.34 9.61 14.94
C LYS B 611 8.34 10.64 15.43
N ILE B 612 8.77 11.87 15.72
CA ILE B 612 7.88 12.91 16.24
C ILE B 612 8.59 14.24 16.06
N GLU B 613 7.83 15.28 15.68
CA GLU B 613 8.40 16.64 15.50
C GLU B 613 9.04 17.08 16.83
N ILE B 614 10.24 17.67 16.82
CA ILE B 614 10.89 18.03 18.11
C ILE B 614 11.35 19.50 18.11
N GLU B 615 10.43 20.45 17.99
CA GLU B 615 10.85 21.88 18.00
C GLU B 615 11.63 22.18 19.28
N PHE B 616 12.82 22.77 19.15
CA PHE B 616 13.65 23.13 20.33
C PHE B 616 13.45 24.60 20.67
N LEU B 617 13.80 25.04 21.89
CA LEU B 617 13.53 26.44 22.18
C LEU B 617 14.83 27.23 22.27
C1 GLC C . -2.11 19.32 -11.52
C2 GLC C . -1.69 18.16 -10.61
C3 GLC C . -2.06 16.85 -11.30
C4 GLC C . -3.54 16.83 -11.70
C5 GLC C . -3.93 18.14 -12.40
C6 GLC C . -5.46 18.19 -12.55
O1 GLC C . -1.48 19.18 -12.80
O2 GLC C . -0.28 18.20 -10.39
O3 GLC C . -1.75 15.78 -10.39
O4 GLC C . -3.81 15.75 -12.60
O5 GLC C . -3.53 19.30 -11.66
O6 GLC C . -5.80 18.69 -13.84
C1 GLC C . -4.18 14.58 -11.86
C2 GLC C . -3.29 13.40 -12.25
C3 GLC C . -3.40 13.23 -13.78
C4 GLC C . -4.88 12.95 -14.08
C5 GLC C . -5.72 14.09 -13.53
C6 GLC C . -7.19 13.77 -13.81
O2 GLC C . -1.93 13.68 -11.92
O3 GLC C . -2.59 12.13 -14.21
O4 GLC C . -5.06 12.87 -15.50
O5 GLC C . -5.53 14.22 -12.12
O6 GLC C . -7.99 14.93 -13.56
C1 GLC D . 4.90 -19.20 10.73
C2 GLC D . 4.87 -18.04 9.74
C3 GLC D . 5.16 -16.73 10.47
C4 GLC D . 4.20 -16.57 11.66
C5 GLC D . 4.22 -17.85 12.51
C6 GLC D . 3.21 -17.73 13.64
O1 GLC D . 6.19 -19.28 11.35
O2 GLC D . 5.86 -18.25 8.73
O3 GLC D . 5.00 -15.66 9.53
O4 GLC D . 4.60 -15.46 12.48
O5 GLC D . 3.89 -19.00 11.73
O6 GLC D . 3.61 -18.55 14.74
C1 GLC D . 3.89 -14.29 12.07
C2 GLC D . 4.84 -13.12 11.89
C3 GLC D . 5.58 -12.88 13.20
C4 GLC D . 4.53 -12.62 14.29
C5 GLC D . 3.53 -13.78 14.32
C6 GLC D . 2.47 -13.46 15.37
O2 GLC D . 5.79 -13.41 10.86
O3 GLC D . 6.45 -11.76 13.08
O4 GLC D . 5.18 -12.51 15.55
O5 GLC D . 2.90 -13.94 13.04
O6 GLC D . 1.80 -14.66 15.76
#